data_8GV3
#
_entry.id   8GV3
#
_cell.length_a   1.00
_cell.length_b   1.00
_cell.length_c   1.00
_cell.angle_alpha   90.00
_cell.angle_beta   90.00
_cell.angle_gamma   90.00
#
_symmetry.space_group_name_H-M   'P 1'
#
loop_
_entity.id
_entity.type
_entity.pdbx_description
1 polymer 'Alcohol dehydrogenase class-3'
2 non-polymer 'ZINC ION'
3 non-polymer NICOTINAMIDE-ADENINE-DINUCLEOTIDE
4 non-polymer (4P)-4-{2-[4-(1H-imidazol-1-yl)phenyl]-5-[3-oxo-3-(2-oxo-1,3-thiazolidin-3-yl)propyl]-1H-pyrrol-1-yl}-3-methylbenzamide
#
_entity_poly.entity_id   1
_entity_poly.type   'polypeptide(L)'
_entity_poly.pdbx_seq_one_letter_code
;MANEVIKCKAAVAWEAGKPLSIEEIEVAPPKAHEVRIKIIATAVCHTDAYTLSGADPEGCFPVILGHEGAGIVESVGEGV
TKLKAGDTVIPLYIPQCGECKFCLNPKTNLCQKIRVTQGKGLMPDGTSRFTCKGKTILHYMGTSTFSEYTVVADISVAKI
DPLAPLDKVCLLGCGISTGYGAAVNTAKLEPGSVCAVFGLGGVGLAVIMGCKVAGASRIIGVDINKDKFARAKEFGATEC
INPQDFSKPIQEVLIEMTDGGVDYSFECIGNVKVMRAALEACHKGWGVSVVVGVAASGEEIATRPFQLVTGRTWKGTAFG
GWKSVESVPKLVSEYMSKKIKVDEFVTHNLSFDEINKAFELMHSGKSIRTVVKIE
;
_entity_poly.pdbx_strand_id   A,B
#
loop_
_chem_comp.id
_chem_comp.type
_chem_comp.name
_chem_comp.formula
NAD non-polymer NICOTINAMIDE-ADENINE-DINUCLEOTIDE 'C21 H27 N7 O14 P2'
WKZ non-polymer (4P)-4-{2-[4-(1H-imidazol-1-yl)phenyl]-5-[3-oxo-3-(2-oxo-1,3-thiazolidin-3-yl)propyl]-1H-pyrrol-1-yl}-3-methylbenzamide 'C27 H25 N5 O3 S'
ZN non-polymer 'ZINC ION' 'Zn 2'
#
# COMPACT_ATOMS: atom_id res chain seq x y z
N ASN A 3 49.75 3.28 -6.39
CA ASN A 3 49.92 1.93 -6.92
C ASN A 3 50.67 1.06 -5.92
N GLU A 4 50.66 1.47 -4.66
CA GLU A 4 51.33 0.70 -3.62
C GLU A 4 50.54 0.82 -2.33
N VAL A 5 50.71 -0.18 -1.47
CA VAL A 5 49.96 -0.25 -0.22
C VAL A 5 50.15 1.02 0.59
N ILE A 6 49.03 1.56 1.10
CA ILE A 6 49.01 2.82 1.82
C ILE A 6 48.79 2.54 3.30
N LYS A 7 49.61 3.15 4.15
CA LYS A 7 49.42 3.05 5.59
C LYS A 7 48.57 4.21 6.07
N CYS A 8 47.50 3.90 6.82
CA CYS A 8 46.61 4.96 7.27
C CYS A 8 46.04 4.61 8.64
N LYS A 9 45.28 5.55 9.18
CA LYS A 9 44.66 5.44 10.50
C LYS A 9 43.17 5.14 10.32
N ALA A 10 42.67 4.17 11.09
CA ALA A 10 41.28 3.76 10.99
C ALA A 10 40.73 3.53 12.38
N ALA A 11 39.41 3.39 12.46
CA ALA A 11 38.71 3.13 13.72
C ALA A 11 38.07 1.76 13.62
N VAL A 12 38.78 0.73 14.07
CA VAL A 12 38.35 -0.64 13.89
C VAL A 12 37.51 -1.06 15.08
N ALA A 13 36.52 -1.90 14.84
CA ALA A 13 35.73 -2.54 15.88
C ALA A 13 36.09 -4.01 15.91
N TRP A 14 36.27 -4.56 17.12
CA TRP A 14 36.73 -5.93 17.25
C TRP A 14 35.67 -6.89 17.78
N GLU A 15 34.74 -6.41 18.62
CA GLU A 15 33.67 -7.26 19.12
C GLU A 15 32.41 -6.43 19.29
N ALA A 16 31.28 -7.12 19.36
CA ALA A 16 30.02 -6.43 19.59
C ALA A 16 29.98 -5.84 20.99
N GLY A 17 29.51 -4.59 21.08
CA GLY A 17 29.31 -3.95 22.36
C GLY A 17 30.52 -3.27 22.96
N LYS A 18 31.66 -3.30 22.30
CA LYS A 18 32.84 -2.62 22.80
C LYS A 18 33.08 -1.32 22.03
N PRO A 19 33.82 -0.37 22.60
CA PRO A 19 34.12 0.86 21.86
C PRO A 19 35.00 0.59 20.66
N LEU A 20 34.97 1.53 19.71
CA LEU A 20 35.89 1.49 18.59
C LEU A 20 37.30 1.84 19.05
N SER A 21 38.30 1.20 18.43
CA SER A 21 39.70 1.42 18.76
C SER A 21 40.43 1.97 17.55
N ILE A 22 41.18 3.05 17.75
CA ILE A 22 41.93 3.67 16.65
C ILE A 22 43.21 2.88 16.43
N GLU A 23 43.44 2.48 15.18
CA GLU A 23 44.57 1.61 14.85
C GLU A 23 45.18 2.06 13.53
N GLU A 24 46.28 1.40 13.16
CA GLU A 24 46.97 1.62 11.90
C GLU A 24 46.72 0.42 10.99
N ILE A 25 46.32 0.71 9.75
CA ILE A 25 45.95 -0.34 8.80
C ILE A 25 46.67 -0.12 7.49
N GLU A 26 46.74 -1.18 6.69
CA GLU A 26 47.32 -1.16 5.35
C GLU A 26 46.18 -1.32 4.35
N VAL A 27 46.18 -0.50 3.32
CA VAL A 27 45.14 -0.51 2.30
C VAL A 27 45.79 -0.85 0.96
N ALA A 28 45.27 -1.88 0.30
CA ALA A 28 45.84 -2.41 -0.93
C ALA A 28 45.51 -1.50 -2.12
N PRO A 29 46.29 -1.58 -3.19
CA PRO A 29 45.92 -0.86 -4.40
C PRO A 29 44.65 -1.44 -5.00
N PRO A 30 43.85 -0.62 -5.68
CA PRO A 30 42.63 -1.13 -6.30
C PRO A 30 42.90 -2.06 -7.46
N LYS A 31 42.01 -3.02 -7.64
CA LYS A 31 42.07 -3.94 -8.76
C LYS A 31 41.22 -3.38 -9.90
N ALA A 32 40.94 -4.19 -10.90
CA ALA A 32 40.17 -3.72 -12.05
C ALA A 32 38.78 -3.28 -11.61
N HIS A 33 38.37 -2.09 -12.04
CA HIS A 33 37.07 -1.50 -11.70
C HIS A 33 36.95 -1.22 -10.21
N GLU A 34 37.88 -0.42 -9.70
CA GLU A 34 37.86 0.00 -8.31
C GLU A 34 38.49 1.39 -8.19
N VAL A 35 38.19 2.06 -7.09
CA VAL A 35 38.60 3.44 -6.87
C VAL A 35 39.10 3.59 -5.43
N ARG A 36 40.22 4.30 -5.26
CA ARG A 36 40.74 4.64 -3.94
C ARG A 36 40.41 6.10 -3.63
N ILE A 37 39.90 6.34 -2.43
CA ILE A 37 39.36 7.64 -2.03
C ILE A 37 40.00 8.02 -0.70
N LYS A 38 40.41 9.28 -0.58
CA LYS A 38 40.80 9.84 0.70
C LYS A 38 39.60 10.54 1.33
N ILE A 39 39.09 10.00 2.42
CA ILE A 39 37.92 10.56 3.07
C ILE A 39 38.30 11.86 3.75
N ILE A 40 37.47 12.89 3.56
CA ILE A 40 37.68 14.20 4.17
C ILE A 40 36.79 14.40 5.39
N ALA A 41 35.50 14.11 5.25
CA ALA A 41 34.56 14.24 6.36
C ALA A 41 33.61 13.05 6.34
N THR A 42 32.99 12.79 7.49
CA THR A 42 32.03 11.70 7.58
C THR A 42 30.97 12.06 8.61
N ALA A 43 29.88 11.29 8.60
CA ALA A 43 28.79 11.49 9.54
C ALA A 43 28.43 10.16 10.18
N VAL A 44 28.04 10.22 11.45
CA VAL A 44 27.71 9.05 12.24
C VAL A 44 26.21 8.87 12.19
N CYS A 45 25.75 7.74 11.65
CA CYS A 45 24.34 7.48 11.48
C CYS A 45 23.88 6.47 12.52
N HIS A 46 22.57 6.23 12.55
CA HIS A 46 21.98 5.38 13.60
C HIS A 46 22.24 3.90 13.34
N THR A 47 22.27 3.49 12.07
CA THR A 47 22.48 2.09 11.77
C THR A 47 23.90 1.65 12.08
N ASP A 48 24.86 2.58 12.06
CA ASP A 48 26.21 2.25 12.50
C ASP A 48 26.21 1.80 13.96
N ALA A 49 25.57 2.59 14.83
CA ALA A 49 25.49 2.23 16.24
C ALA A 49 24.68 0.97 16.44
N TYR A 50 23.64 0.76 15.63
CA TYR A 50 22.88 -0.48 15.71
C TYR A 50 23.75 -1.69 15.42
N THR A 51 24.57 -1.62 14.38
CA THR A 51 25.46 -2.74 14.08
C THR A 51 26.52 -2.91 15.16
N LEU A 52 27.06 -1.80 15.67
CA LEU A 52 28.09 -1.90 16.70
C LEU A 52 27.55 -2.56 17.96
N SER A 53 26.29 -2.28 18.33
CA SER A 53 25.74 -2.87 19.54
C SER A 53 25.73 -4.40 19.47
N GLY A 54 25.63 -4.97 18.28
CA GLY A 54 25.62 -6.40 18.11
C GLY A 54 24.26 -7.02 17.91
N ALA A 55 23.19 -6.20 17.89
CA ALA A 55 21.84 -6.75 17.74
C ALA A 55 21.57 -7.28 16.34
N ASP A 56 22.33 -6.83 15.35
CA ASP A 56 22.11 -7.24 13.97
C ASP A 56 22.43 -8.72 13.79
N PRO A 57 21.50 -9.53 13.30
CA PRO A 57 21.82 -10.95 13.05
C PRO A 57 22.88 -11.16 11.98
N GLU A 58 23.15 -10.16 11.14
CA GLU A 58 24.12 -10.29 10.05
C GLU A 58 25.44 -9.60 10.36
N GLY A 59 25.70 -9.24 11.62
CA GLY A 59 26.92 -8.55 11.95
C GLY A 59 28.13 -9.46 11.85
N CYS A 60 29.20 -8.94 11.27
CA CYS A 60 30.45 -9.66 11.13
C CYS A 60 31.59 -8.78 11.59
N PHE A 61 32.45 -9.33 12.45
CA PHE A 61 33.55 -8.60 13.05
C PHE A 61 34.87 -9.31 12.80
N PRO A 62 35.98 -8.58 12.73
CA PRO A 62 36.12 -7.12 12.81
C PRO A 62 35.70 -6.40 11.55
N VAL A 63 35.34 -5.12 11.65
CA VAL A 63 34.75 -4.40 10.53
C VAL A 63 34.99 -2.92 10.75
N ILE A 64 35.04 -2.16 9.65
CA ILE A 64 35.15 -0.71 9.68
C ILE A 64 33.82 -0.14 9.22
N LEU A 65 33.16 0.63 10.09
CA LEU A 65 31.81 1.13 9.85
C LEU A 65 31.86 2.45 9.07
N GLY A 66 30.71 3.10 8.92
CA GLY A 66 30.62 4.35 8.19
C GLY A 66 30.08 4.18 6.79
N HIS A 67 29.09 4.99 6.41
CA HIS A 67 28.58 4.97 5.04
C HIS A 67 28.15 6.34 4.55
N GLU A 68 28.72 7.41 5.08
CA GLU A 68 28.37 8.77 4.70
C GLU A 68 29.65 9.59 4.67
N GLY A 69 30.04 10.06 3.50
CA GLY A 69 31.25 10.87 3.43
C GLY A 69 31.51 11.33 2.02
N ALA A 70 32.43 12.28 1.90
CA ALA A 70 32.90 12.78 0.63
C ALA A 70 34.41 12.88 0.68
N GLY A 71 35.04 12.73 -0.48
CA GLY A 71 36.48 12.73 -0.53
C GLY A 71 37.03 13.09 -1.89
N ILE A 72 38.30 12.75 -2.09
CA ILE A 72 39.04 13.08 -3.30
C ILE A 72 39.71 11.81 -3.80
N VAL A 73 39.66 11.59 -5.10
CA VAL A 73 40.21 10.38 -5.70
C VAL A 73 41.73 10.46 -5.74
N GLU A 74 42.40 9.33 -5.45
CA GLU A 74 43.81 9.16 -5.77
C GLU A 74 44.06 8.19 -6.92
N SER A 75 43.64 6.94 -6.79
CA SER A 75 44.00 5.93 -7.77
C SER A 75 42.74 5.26 -8.31
N VAL A 76 42.80 4.87 -9.57
CA VAL A 76 41.72 4.12 -10.20
C VAL A 76 42.31 2.85 -10.80
N GLY A 77 41.49 1.82 -10.86
CA GLY A 77 41.94 0.53 -11.34
C GLY A 77 41.99 0.48 -12.85
N GLU A 78 42.08 -0.74 -13.36
CA GLU A 78 42.12 -0.98 -14.80
C GLU A 78 40.70 -1.10 -15.33
N GLY A 79 40.40 -0.33 -16.36
CA GLY A 79 39.07 -0.31 -16.93
C GLY A 79 38.22 0.88 -16.55
N VAL A 80 38.74 1.81 -15.76
CA VAL A 80 38.01 3.00 -15.34
C VAL A 80 38.32 4.12 -16.33
N THR A 81 37.26 4.66 -16.96
CA THR A 81 37.41 5.77 -17.90
C THR A 81 36.47 6.91 -17.56
N LYS A 82 35.87 6.90 -16.37
CA LYS A 82 34.86 7.87 -15.98
C LYS A 82 35.37 8.90 -14.99
N LEU A 83 36.18 8.48 -14.03
CA LEU A 83 36.67 9.38 -12.98
C LEU A 83 38.18 9.31 -12.94
N LYS A 84 38.81 10.47 -12.79
CA LYS A 84 40.26 10.59 -12.68
C LYS A 84 40.61 11.20 -11.33
N ALA A 85 41.89 11.12 -10.99
CA ALA A 85 42.33 11.55 -9.67
C ALA A 85 42.09 13.05 -9.47
N GLY A 86 41.89 13.42 -8.21
CA GLY A 86 41.66 14.80 -7.84
C GLY A 86 40.20 15.22 -7.80
N ASP A 87 39.29 14.38 -8.27
CA ASP A 87 37.86 14.71 -8.30
C ASP A 87 37.27 14.68 -6.91
N THR A 88 36.16 15.39 -6.73
CA THR A 88 35.37 15.33 -5.52
C THR A 88 34.16 14.45 -5.78
N VAL A 89 33.92 13.47 -4.91
CA VAL A 89 32.95 12.41 -5.12
C VAL A 89 32.23 12.11 -3.82
N ILE A 90 31.16 11.32 -3.93
CA ILE A 90 30.43 10.80 -2.79
C ILE A 90 30.23 9.31 -2.98
N PRO A 91 30.68 8.47 -2.06
CA PRO A 91 30.32 7.04 -2.11
C PRO A 91 28.87 6.81 -1.76
N LEU A 92 28.34 5.70 -2.24
CA LEU A 92 26.92 5.41 -2.19
C LEU A 92 26.74 3.93 -1.84
N TYR A 93 25.81 3.63 -0.94
CA TYR A 93 25.52 2.24 -0.63
C TYR A 93 24.45 1.65 -1.53
N ILE A 94 23.96 2.41 -2.51
CA ILE A 94 23.13 1.89 -3.58
C ILE A 94 23.76 2.33 -4.90
N PRO A 95 24.38 1.41 -5.63
CA PRO A 95 25.11 1.77 -6.86
C PRO A 95 24.15 2.06 -8.01
N GLN A 96 24.72 2.22 -9.20
CA GLN A 96 23.89 2.24 -10.42
C GLN A 96 24.74 1.76 -11.59
N CYS A 97 24.66 0.46 -11.88
CA CYS A 97 25.35 -0.09 -13.04
C CYS A 97 24.75 0.42 -14.34
N GLY A 98 23.43 0.36 -14.47
CA GLY A 98 22.75 0.82 -15.66
C GLY A 98 22.42 -0.25 -16.68
N GLU A 99 22.50 -1.52 -16.32
CA GLU A 99 22.32 -2.60 -17.30
C GLU A 99 21.34 -3.66 -16.86
N CYS A 100 21.20 -3.87 -15.54
CA CYS A 100 20.34 -4.91 -15.04
C CYS A 100 18.86 -4.55 -15.26
N LYS A 101 17.97 -5.47 -14.89
CA LYS A 101 16.55 -5.23 -15.11
C LYS A 101 16.00 -4.20 -14.15
N PHE A 102 16.62 -4.02 -12.98
CA PHE A 102 16.16 -3.01 -12.04
C PHE A 102 16.58 -1.61 -12.47
N CYS A 103 17.66 -1.48 -13.24
CA CYS A 103 18.17 -0.19 -13.65
C CYS A 103 17.49 0.37 -14.90
N LEU A 104 16.84 -0.47 -15.68
CA LEU A 104 16.12 -0.03 -16.87
C LEU A 104 14.64 0.20 -16.58
N ASN A 105 14.20 0.07 -15.33
CA ASN A 105 12.82 0.29 -14.93
C ASN A 105 12.72 1.61 -14.21
N PRO A 106 11.93 2.57 -14.69
CA PRO A 106 11.83 3.87 -13.99
C PRO A 106 11.09 3.82 -12.67
N LYS A 107 10.52 2.68 -12.28
CA LYS A 107 9.72 2.59 -11.07
C LYS A 107 10.54 2.28 -9.82
N THR A 108 11.82 1.93 -9.95
CA THR A 108 12.60 1.42 -8.85
C THR A 108 14.02 1.96 -8.91
N ASN A 109 14.79 1.71 -7.84
CA ASN A 109 16.20 2.06 -7.83
C ASN A 109 17.05 1.03 -7.09
N LEU A 110 16.59 -0.21 -6.94
CA LEU A 110 17.32 -1.22 -6.18
C LEU A 110 18.17 -2.05 -7.14
N CYS A 111 19.37 -1.55 -7.43
CA CYS A 111 20.29 -2.29 -8.28
C CYS A 111 20.74 -3.57 -7.58
N GLN A 112 20.78 -4.67 -8.33
CA GLN A 112 21.09 -5.97 -7.74
C GLN A 112 22.32 -6.60 -8.36
N LYS A 113 23.37 -5.83 -8.56
CA LYS A 113 24.57 -6.34 -9.23
C LYS A 113 25.63 -6.85 -8.27
N ILE A 114 25.89 -6.14 -7.18
CA ILE A 114 26.99 -6.51 -6.28
C ILE A 114 26.52 -6.64 -4.84
N ARG A 115 25.25 -6.93 -4.63
CA ARG A 115 24.75 -6.97 -3.26
C ARG A 115 25.17 -8.23 -2.52
N VAL A 116 25.39 -9.33 -3.24
CA VAL A 116 25.79 -10.57 -2.57
C VAL A 116 27.16 -10.43 -1.92
N THR A 117 28.12 -9.80 -2.61
CA THR A 117 29.41 -9.55 -2.01
C THR A 117 29.38 -8.39 -1.03
N GLN A 118 28.54 -7.38 -1.28
CA GLN A 118 28.45 -6.24 -0.39
C GLN A 118 27.93 -6.64 0.99
N GLY A 119 26.96 -7.55 1.03
CA GLY A 119 26.43 -7.99 2.30
C GLY A 119 27.41 -8.82 3.12
N LYS A 120 28.36 -9.48 2.46
CA LYS A 120 29.36 -10.28 3.13
C LYS A 120 30.56 -9.47 3.58
N GLY A 121 30.72 -8.25 3.10
CA GLY A 121 31.85 -7.41 3.47
C GLY A 121 33.07 -7.62 2.62
N LEU A 122 32.90 -7.86 1.32
CA LEU A 122 34.02 -8.12 0.43
C LEU A 122 33.84 -7.31 -0.85
N MET A 123 34.94 -7.05 -1.53
CA MET A 123 34.90 -6.39 -2.82
C MET A 123 34.36 -7.36 -3.87
N PRO A 124 33.90 -6.84 -5.03
CA PRO A 124 33.29 -7.74 -6.02
C PRO A 124 34.18 -8.88 -6.47
N ASP A 125 35.51 -8.69 -6.47
CA ASP A 125 36.41 -9.78 -6.81
C ASP A 125 36.34 -10.92 -5.82
N GLY A 126 35.95 -10.66 -4.57
CA GLY A 126 35.80 -11.70 -3.57
C GLY A 126 36.69 -11.56 -2.36
N THR A 127 37.52 -10.53 -2.29
CA THR A 127 38.45 -10.35 -1.18
C THR A 127 38.30 -8.95 -0.60
N SER A 128 38.99 -8.72 0.50
CA SER A 128 38.99 -7.44 1.20
C SER A 128 40.36 -6.77 1.08
N ARG A 129 40.37 -5.44 1.13
CA ARG A 129 41.58 -4.65 0.97
C ARG A 129 42.15 -4.12 2.28
N PHE A 130 41.63 -4.52 3.42
CA PHE A 130 42.06 -3.98 4.71
C PHE A 130 42.78 -5.06 5.50
N THR A 131 44.04 -4.80 5.84
CA THR A 131 44.85 -5.71 6.63
C THR A 131 45.24 -5.01 7.92
N CYS A 132 45.11 -5.72 9.04
CA CYS A 132 45.49 -5.19 10.34
C CYS A 132 46.16 -6.29 11.14
N LYS A 133 47.48 -6.16 11.34
CA LYS A 133 48.25 -7.07 12.18
C LYS A 133 48.10 -8.52 11.75
N GLY A 134 48.07 -8.74 10.43
CA GLY A 134 47.92 -10.08 9.91
C GLY A 134 46.51 -10.62 9.87
N LYS A 135 45.50 -9.78 10.10
CA LYS A 135 44.11 -10.17 9.96
C LYS A 135 43.47 -9.35 8.84
N THR A 136 42.36 -9.86 8.30
CA THR A 136 41.61 -9.17 7.26
C THR A 136 40.37 -8.52 7.87
N ILE A 137 40.14 -7.26 7.55
CA ILE A 137 39.01 -6.49 8.06
C ILE A 137 38.00 -6.32 6.94
N LEU A 138 36.75 -6.68 7.22
CA LEU A 138 35.71 -6.60 6.20
C LEU A 138 35.23 -5.16 6.01
N HIS A 139 34.57 -4.93 4.88
CA HIS A 139 33.98 -3.63 4.57
C HIS A 139 32.54 -3.59 5.11
N TYR A 140 32.02 -2.37 5.23
CA TYR A 140 30.67 -2.16 5.73
C TYR A 140 29.86 -1.41 4.68
N MET A 141 28.75 -2.01 4.25
CA MET A 141 27.79 -1.39 3.34
C MET A 141 28.44 -0.83 2.10
N GLY A 142 29.56 -1.39 1.68
CA GLY A 142 30.18 -1.05 0.42
C GLY A 142 31.00 0.22 0.41
N THR A 143 31.09 0.94 1.54
CA THR A 143 31.85 2.18 1.58
C THR A 143 32.96 2.16 2.61
N SER A 144 32.66 1.95 3.89
CA SER A 144 33.66 1.93 4.96
C SER A 144 34.40 3.27 5.06
N THR A 145 33.70 4.29 5.53
CA THR A 145 34.26 5.63 5.58
C THR A 145 34.83 6.02 6.93
N PHE A 146 34.90 5.11 7.90
CA PHE A 146 35.60 5.43 9.14
C PHE A 146 37.09 5.16 9.01
N SER A 147 37.68 5.72 7.96
CA SER A 147 39.06 5.45 7.59
C SER A 147 39.59 6.63 6.79
N GLU A 148 40.91 6.76 6.75
CA GLU A 148 41.52 7.85 5.99
C GLU A 148 41.58 7.54 4.50
N TYR A 149 41.64 6.28 4.13
CA TYR A 149 41.59 5.84 2.74
C TYR A 149 40.65 4.66 2.65
N THR A 150 39.89 4.58 1.56
CA THR A 150 38.99 3.46 1.39
C THR A 150 38.84 3.13 -0.09
N VAL A 151 38.55 1.87 -0.38
CA VAL A 151 38.46 1.36 -1.73
C VAL A 151 37.01 0.97 -1.98
N VAL A 152 36.44 1.45 -3.09
CA VAL A 152 35.05 1.17 -3.43
C VAL A 152 34.98 0.77 -4.89
N ALA A 153 33.84 0.17 -5.26
CA ALA A 153 33.61 -0.18 -6.64
C ALA A 153 33.35 1.07 -7.48
N ASP A 154 33.46 0.92 -8.80
CA ASP A 154 33.35 2.08 -9.67
C ASP A 154 31.91 2.52 -9.90
N ILE A 155 30.94 1.67 -9.56
CA ILE A 155 29.53 2.03 -9.73
C ILE A 155 28.91 2.59 -8.46
N SER A 156 29.69 2.72 -7.39
CA SER A 156 29.20 3.25 -6.12
C SER A 156 29.69 4.66 -5.85
N VAL A 157 30.04 5.40 -6.90
CA VAL A 157 30.67 6.71 -6.75
C VAL A 157 29.91 7.72 -7.60
N ALA A 158 29.53 8.84 -6.98
CA ALA A 158 28.85 9.92 -7.69
C ALA A 158 29.77 11.15 -7.72
N LYS A 159 29.78 11.83 -8.86
CA LYS A 159 30.68 12.96 -9.08
C LYS A 159 29.94 14.28 -8.91
N ILE A 160 30.44 15.14 -8.02
CA ILE A 160 29.74 16.37 -7.68
C ILE A 160 30.52 17.60 -8.11
N ASP A 161 29.95 18.78 -7.90
CA ASP A 161 30.58 20.03 -8.28
C ASP A 161 31.78 20.30 -7.39
N PRO A 162 32.97 20.60 -7.94
CA PRO A 162 34.14 20.82 -7.10
C PRO A 162 34.02 22.01 -6.14
N LEU A 163 33.08 22.92 -6.37
CA LEU A 163 32.93 24.08 -5.50
C LEU A 163 32.21 23.76 -4.20
N ALA A 164 31.63 22.57 -4.07
CA ALA A 164 30.82 22.26 -2.89
C ALA A 164 31.71 22.14 -1.65
N PRO A 165 31.25 22.64 -0.50
CA PRO A 165 31.99 22.41 0.74
C PRO A 165 31.84 20.96 1.18
N LEU A 166 32.95 20.23 1.20
CA LEU A 166 32.89 18.80 1.49
C LEU A 166 32.63 18.51 2.95
N ASP A 167 32.69 19.51 3.82
CA ASP A 167 32.49 19.29 5.25
C ASP A 167 31.02 19.25 5.64
N LYS A 168 30.10 19.54 4.72
CA LYS A 168 28.67 19.49 5.00
C LYS A 168 27.84 18.79 3.94
N VAL A 169 28.33 18.73 2.69
CA VAL A 169 27.59 18.03 1.63
C VAL A 169 27.59 16.52 1.83
N CYS A 170 28.40 16.01 2.77
CA CYS A 170 28.45 14.58 3.03
C CYS A 170 27.14 14.05 3.56
N LEU A 171 26.33 14.89 4.20
CA LEU A 171 25.09 14.47 4.82
C LEU A 171 24.05 14.04 3.80
N LEU A 172 24.26 14.34 2.52
CA LEU A 172 23.36 13.93 1.45
C LEU A 172 23.54 12.47 1.06
N GLY A 173 24.12 11.66 1.93
CA GLY A 173 24.32 10.26 1.65
C GLY A 173 23.19 9.38 2.12
N CYS A 174 22.70 9.58 3.34
CA CYS A 174 21.69 8.70 3.90
C CYS A 174 20.43 9.42 4.36
N GLY A 175 20.55 10.51 5.13
CA GLY A 175 19.39 11.06 5.82
C GLY A 175 18.55 12.09 5.10
N ILE A 176 19.18 13.20 4.73
CA ILE A 176 18.47 14.29 4.07
C ILE A 176 17.90 13.82 2.75
N SER A 177 18.68 13.04 2.01
CA SER A 177 18.20 12.50 0.74
C SER A 177 16.99 11.60 0.94
N THR A 178 17.03 10.75 1.97
CA THR A 178 15.91 9.85 2.20
C THR A 178 14.63 10.60 2.54
N GLY A 179 14.73 11.60 3.42
CA GLY A 179 13.54 12.37 3.75
C GLY A 179 12.99 13.17 2.58
N TYR A 180 13.88 13.85 1.86
CA TYR A 180 13.45 14.66 0.74
C TYR A 180 12.81 13.80 -0.34
N GLY A 181 13.39 12.64 -0.61
CA GLY A 181 12.82 11.74 -1.60
C GLY A 181 11.51 11.14 -1.15
N ALA A 182 11.39 10.80 0.14
CA ALA A 182 10.11 10.31 0.64
C ALA A 182 9.03 11.34 0.42
N ALA A 183 9.36 12.62 0.60
CA ALA A 183 8.34 13.66 0.42
C ALA A 183 7.98 13.86 -1.05
N VAL A 184 8.96 13.94 -1.95
CA VAL A 184 8.70 14.40 -3.31
C VAL A 184 8.80 13.31 -4.37
N ASN A 185 9.12 12.06 -4.00
CA ASN A 185 9.22 10.98 -4.98
C ASN A 185 8.20 9.88 -4.74
N THR A 186 8.21 9.26 -3.54
CA THR A 186 7.33 8.13 -3.27
C THR A 186 5.90 8.58 -3.03
N ALA A 187 5.72 9.75 -2.42
CA ALA A 187 4.38 10.26 -2.14
C ALA A 187 3.83 11.09 -3.29
N LYS A 188 4.63 12.03 -3.80
CA LYS A 188 4.22 12.93 -4.88
C LYS A 188 2.98 13.72 -4.47
N LEU A 189 3.16 14.58 -3.47
CA LEU A 189 2.02 15.24 -2.87
C LEU A 189 1.69 16.55 -3.58
N GLU A 190 0.40 16.77 -3.80
CA GLU A 190 -0.11 17.93 -4.51
C GLU A 190 -0.25 19.13 -3.57
N PRO A 191 -0.26 20.34 -4.10
CA PRO A 191 -0.41 21.52 -3.24
C PRO A 191 -1.72 21.52 -2.47
N GLY A 192 -1.65 22.04 -1.24
CA GLY A 192 -2.82 22.14 -0.39
C GLY A 192 -3.12 20.94 0.47
N SER A 193 -2.24 19.96 0.55
CA SER A 193 -2.49 18.73 1.28
C SER A 193 -2.16 18.91 2.77
N VAL A 194 -2.59 17.93 3.56
CA VAL A 194 -2.30 17.89 5.00
C VAL A 194 -1.43 16.67 5.28
N CYS A 195 -0.33 16.89 5.98
CA CYS A 195 0.67 15.86 6.22
C CYS A 195 0.94 15.75 7.71
N ALA A 196 1.29 14.53 8.15
CA ALA A 196 1.67 14.27 9.53
C ALA A 196 2.96 13.46 9.55
N VAL A 197 3.86 13.80 10.46
CA VAL A 197 5.18 13.19 10.54
C VAL A 197 5.32 12.58 11.93
N PHE A 198 5.73 11.31 12.00
CA PHE A 198 5.93 10.64 13.27
C PHE A 198 7.43 10.54 13.55
N GLY A 199 7.88 11.13 14.65
CA GLY A 199 9.29 11.22 14.94
C GLY A 199 9.89 12.48 14.37
N LEU A 200 10.82 13.10 15.07
CA LEU A 200 11.40 14.38 14.65
C LEU A 200 12.92 14.36 14.77
N GLY A 201 13.53 13.32 14.22
CA GLY A 201 14.98 13.25 14.11
C GLY A 201 15.44 13.90 12.82
N GLY A 202 16.57 13.39 12.30
CA GLY A 202 17.05 13.89 11.03
C GLY A 202 16.12 13.57 9.88
N VAL A 203 15.64 12.34 9.83
CA VAL A 203 14.75 11.93 8.73
C VAL A 203 13.42 12.67 8.82
N GLY A 204 12.88 12.84 10.02
CA GLY A 204 11.63 13.56 10.16
C GLY A 204 11.74 15.01 9.72
N LEU A 205 12.82 15.68 10.09
CA LEU A 205 12.99 17.07 9.70
C LEU A 205 13.22 17.20 8.20
N ALA A 206 13.92 16.24 7.60
CA ALA A 206 14.05 16.25 6.14
C ALA A 206 12.70 16.07 5.46
N VAL A 207 11.85 15.19 6.01
CA VAL A 207 10.51 15.00 5.45
C VAL A 207 9.69 16.28 5.56
N ILE A 208 9.77 16.96 6.70
CA ILE A 208 9.06 18.23 6.88
C ILE A 208 9.54 19.25 5.86
N MET A 209 10.85 19.33 5.64
CA MET A 209 11.39 20.25 4.65
C MET A 209 10.84 19.94 3.26
N GLY A 210 10.78 18.65 2.90
CA GLY A 210 10.26 18.29 1.60
C GLY A 210 8.79 18.61 1.43
N CYS A 211 8.01 18.39 2.49
CA CYS A 211 6.59 18.71 2.44
C CYS A 211 6.37 20.21 2.30
N LYS A 212 7.15 21.02 3.00
CA LYS A 212 7.04 22.47 2.86
C LYS A 212 7.45 22.93 1.47
N VAL A 213 8.51 22.34 0.91
CA VAL A 213 8.94 22.69 -0.44
C VAL A 213 7.87 22.32 -1.46
N ALA A 214 7.26 21.14 -1.32
CA ALA A 214 6.32 20.66 -2.32
C ALA A 214 5.05 21.51 -2.35
N GLY A 215 4.57 21.94 -1.19
CA GLY A 215 3.47 22.88 -1.17
C GLY A 215 2.30 22.54 -0.28
N ALA A 216 2.48 21.64 0.67
CA ALA A 216 1.42 21.31 1.60
C ALA A 216 1.09 22.49 2.49
N SER A 217 -0.18 22.60 2.88
CA SER A 217 -0.67 23.73 3.65
C SER A 217 -0.52 23.54 5.15
N ARG A 218 -0.82 22.35 5.66
CA ARG A 218 -0.83 22.08 7.10
C ARG A 218 0.07 20.89 7.38
N ILE A 219 0.96 21.03 8.36
CA ILE A 219 1.90 19.98 8.74
C ILE A 219 1.87 19.79 10.26
N ILE A 220 1.73 18.54 10.70
CA ILE A 220 1.61 18.20 12.11
C ILE A 220 2.80 17.31 12.50
N GLY A 221 3.50 17.70 13.56
CA GLY A 221 4.62 16.93 14.06
C GLY A 221 4.25 16.22 15.34
N VAL A 222 4.60 14.93 15.41
CA VAL A 222 4.26 14.07 16.54
C VAL A 222 5.54 13.49 17.12
N ASP A 223 5.70 13.62 18.43
CA ASP A 223 6.87 13.10 19.12
C ASP A 223 6.59 13.05 20.61
N ILE A 224 7.38 12.25 21.33
CA ILE A 224 7.23 12.13 22.77
C ILE A 224 8.29 12.89 23.54
N ASN A 225 9.18 13.61 22.86
CA ASN A 225 10.16 14.47 23.51
C ASN A 225 9.88 15.91 23.11
N LYS A 226 9.65 16.77 24.11
CA LYS A 226 9.27 18.15 23.81
C LYS A 226 10.41 18.94 23.21
N ASP A 227 11.65 18.62 23.57
CA ASP A 227 12.81 19.41 23.13
C ASP A 227 12.95 19.48 21.62
N LYS A 228 12.33 18.55 20.88
CA LYS A 228 12.41 18.59 19.43
C LYS A 228 11.49 19.65 18.82
N PHE A 229 10.36 19.94 19.46
CA PHE A 229 9.29 20.69 18.78
C PHE A 229 9.81 22.01 18.23
N ALA A 230 10.65 22.70 18.99
CA ALA A 230 11.15 24.00 18.56
C ALA A 230 11.74 23.92 17.16
N ARG A 231 12.67 22.98 16.95
CA ARG A 231 13.33 22.90 15.66
C ARG A 231 12.33 22.60 14.55
N ALA A 232 11.32 21.77 14.85
CA ALA A 232 10.32 21.46 13.84
C ALA A 232 9.61 22.72 13.37
N LYS A 233 9.27 23.61 14.31
CA LYS A 233 8.58 24.84 13.94
C LYS A 233 9.45 25.73 13.07
N GLU A 234 10.77 25.58 13.17
CA GLU A 234 11.68 26.35 12.33
C GLU A 234 11.75 25.79 10.92
N PHE A 235 11.48 24.50 10.75
CA PHE A 235 11.58 23.87 9.44
C PHE A 235 10.29 23.92 8.64
N GLY A 236 9.17 24.22 9.28
CA GLY A 236 7.93 24.37 8.54
C GLY A 236 6.71 23.71 9.15
N ALA A 237 6.88 23.00 10.25
CA ALA A 237 5.73 22.37 10.90
C ALA A 237 4.84 23.42 11.54
N THR A 238 3.55 23.35 11.25
CA THR A 238 2.61 24.34 11.78
C THR A 238 2.30 24.10 13.24
N GLU A 239 2.23 22.85 13.67
CA GLU A 239 1.90 22.53 15.05
C GLU A 239 2.51 21.19 15.43
N CYS A 240 2.70 20.98 16.72
CA CYS A 240 3.32 19.78 17.25
C CYS A 240 2.54 19.27 18.45
N ILE A 241 2.43 17.95 18.57
CA ILE A 241 1.64 17.33 19.62
C ILE A 241 2.46 16.26 20.31
N ASN A 242 2.00 15.86 21.50
CA ASN A 242 2.69 14.91 22.36
C ASN A 242 1.71 13.83 22.79
N PRO A 243 1.93 12.56 22.45
CA PRO A 243 0.96 11.51 22.79
C PRO A 243 0.73 11.36 24.28
N GLN A 244 1.69 11.75 25.12
CA GLN A 244 1.55 11.57 26.56
C GLN A 244 0.61 12.59 27.19
N ASP A 245 0.29 13.68 26.48
CA ASP A 245 -0.62 14.69 27.01
C ASP A 245 -2.09 14.31 26.82
N PHE A 246 -2.38 13.24 26.11
CA PHE A 246 -3.75 12.82 25.81
C PHE A 246 -3.96 11.40 26.31
N SER A 247 -5.13 11.15 26.88
CA SER A 247 -5.47 9.79 27.31
C SER A 247 -5.88 8.90 26.14
N LYS A 248 -6.55 9.46 25.14
CA LYS A 248 -7.00 8.68 23.99
C LYS A 248 -5.82 8.27 23.12
N PRO A 249 -5.97 7.21 22.33
CA PRO A 249 -4.91 6.83 21.39
C PRO A 249 -4.68 7.91 20.35
N ILE A 250 -3.45 7.95 19.83
CA ILE A 250 -3.00 9.08 19.02
C ILE A 250 -3.77 9.21 17.72
N GLN A 251 -4.16 8.09 17.11
CA GLN A 251 -4.87 8.17 15.84
C GLN A 251 -6.25 8.80 16.02
N GLU A 252 -6.90 8.57 17.17
CA GLU A 252 -8.18 9.22 17.43
C GLU A 252 -8.01 10.72 17.64
N VAL A 253 -6.92 11.14 18.29
CA VAL A 253 -6.64 12.56 18.45
C VAL A 253 -6.46 13.21 17.08
N LEU A 254 -5.68 12.57 16.20
CA LEU A 254 -5.46 13.14 14.87
C LEU A 254 -6.75 13.17 14.05
N ILE A 255 -7.57 12.13 14.15
CA ILE A 255 -8.83 12.09 13.43
C ILE A 255 -9.75 13.22 13.88
N GLU A 256 -9.84 13.44 15.19
CA GLU A 256 -10.65 14.54 15.70
C GLU A 256 -10.08 15.89 15.27
N MET A 257 -8.75 16.04 15.31
CA MET A 257 -8.13 17.33 15.04
C MET A 257 -8.31 17.74 13.57
N THR A 258 -8.08 16.82 12.64
CA THR A 258 -8.09 17.17 11.22
C THR A 258 -9.43 16.93 10.54
N ASP A 259 -10.46 16.52 11.29
CA ASP A 259 -11.79 16.25 10.74
C ASP A 259 -11.73 15.13 9.69
N GLY A 260 -11.42 13.93 10.17
CA GLY A 260 -11.44 12.76 9.34
C GLY A 260 -10.11 12.05 9.25
N GLY A 261 -9.03 12.82 9.16
CA GLY A 261 -7.71 12.26 9.05
C GLY A 261 -6.82 13.05 8.12
N VAL A 262 -5.53 12.80 8.20
CA VAL A 262 -4.56 13.51 7.38
C VAL A 262 -4.54 12.92 5.97
N ASP A 263 -3.95 13.66 5.04
CA ASP A 263 -3.83 13.15 3.68
C ASP A 263 -2.62 12.24 3.54
N TYR A 264 -1.48 12.63 4.12
CA TYR A 264 -0.28 11.82 4.05
C TYR A 264 0.29 11.63 5.45
N SER A 265 0.79 10.43 5.73
CA SER A 265 1.43 10.17 7.02
C SER A 265 2.76 9.47 6.80
N PHE A 266 3.83 10.05 7.31
CA PHE A 266 5.17 9.51 7.18
C PHE A 266 5.61 8.96 8.53
N GLU A 267 6.07 7.71 8.54
CA GLU A 267 6.47 7.04 9.76
C GLU A 267 7.98 6.88 9.75
N CYS A 268 8.67 7.54 10.69
CA CYS A 268 10.11 7.71 10.62
C CYS A 268 10.79 7.27 11.91
N ILE A 269 10.28 6.21 12.55
CA ILE A 269 10.83 5.81 13.84
C ILE A 269 11.45 4.42 13.77
N GLY A 270 10.62 3.42 13.51
CA GLY A 270 10.99 2.04 13.66
C GLY A 270 10.23 1.30 14.74
N ASN A 271 9.05 1.77 15.11
CA ASN A 271 8.21 1.14 16.11
C ASN A 271 6.97 0.60 15.41
N VAL A 272 6.69 -0.69 15.60
CA VAL A 272 5.59 -1.31 14.87
C VAL A 272 4.24 -0.75 15.33
N LYS A 273 4.11 -0.43 16.61
CA LYS A 273 2.87 0.16 17.11
C LYS A 273 2.64 1.54 16.51
N VAL A 274 3.69 2.33 16.37
CA VAL A 274 3.57 3.63 15.73
C VAL A 274 3.20 3.46 14.26
N MET A 275 3.70 2.42 13.60
CA MET A 275 3.31 2.19 12.20
C MET A 275 1.82 1.89 12.07
N ARG A 276 1.29 1.04 12.96
CA ARG A 276 -0.15 0.78 12.93
C ARG A 276 -0.93 2.07 13.20
N ALA A 277 -0.50 2.85 14.19
CA ALA A 277 -1.19 4.11 14.48
C ALA A 277 -1.12 5.07 13.31
N ALA A 278 -0.04 5.02 12.53
CA ALA A 278 0.09 5.90 11.38
C ALA A 278 -0.83 5.48 10.25
N LEU A 279 -1.02 4.18 10.06
CA LEU A 279 -1.98 3.78 9.03
C LEU A 279 -3.39 4.17 9.42
N GLU A 280 -3.74 4.00 10.70
CA GLU A 280 -5.13 4.21 11.07
C GLU A 280 -5.49 5.69 11.19
N ALA A 281 -4.55 6.61 10.95
CA ALA A 281 -4.80 8.04 11.04
C ALA A 281 -4.93 8.73 9.70
N CYS A 282 -4.87 7.99 8.60
CA CYS A 282 -5.03 8.57 7.27
C CYS A 282 -6.50 8.68 6.92
N HIS A 283 -6.80 9.55 5.97
CA HIS A 283 -8.19 9.82 5.61
C HIS A 283 -8.80 8.63 4.90
N LYS A 284 -10.08 8.40 5.15
CA LYS A 284 -10.79 7.35 4.43
C LYS A 284 -11.00 7.77 2.99
N GLY A 285 -10.70 6.87 2.08
CA GLY A 285 -10.87 7.17 0.68
C GLY A 285 -9.63 7.49 -0.13
N TRP A 286 -8.71 8.28 0.43
CA TRP A 286 -7.54 8.68 -0.36
C TRP A 286 -6.28 8.88 0.48
N GLY A 287 -6.17 8.23 1.62
CA GLY A 287 -4.99 8.41 2.46
C GLY A 287 -3.84 7.51 2.05
N VAL A 288 -2.62 7.94 2.39
CA VAL A 288 -1.39 7.21 2.05
C VAL A 288 -0.44 7.26 3.24
N SER A 289 0.21 6.13 3.52
CA SER A 289 1.18 6.03 4.61
C SER A 289 2.49 5.46 4.10
N VAL A 290 3.58 6.18 4.40
CA VAL A 290 4.90 5.87 3.86
C VAL A 290 5.80 5.48 5.01
N VAL A 291 6.41 4.30 4.91
CA VAL A 291 7.29 3.74 5.93
C VAL A 291 8.73 4.05 5.54
N VAL A 292 9.45 4.74 6.40
CA VAL A 292 10.82 5.17 6.11
C VAL A 292 11.83 4.49 7.02
N GLY A 293 11.47 4.25 8.29
CA GLY A 293 12.37 3.61 9.22
C GLY A 293 12.44 2.11 9.07
N VAL A 294 13.45 1.52 9.69
CA VAL A 294 13.69 0.08 9.63
C VAL A 294 13.51 -0.50 11.01
N ALA A 295 12.71 -1.58 11.11
CA ALA A 295 12.40 -2.22 12.36
C ALA A 295 13.39 -3.34 12.66
N ALA A 296 13.43 -3.75 13.91
CA ALA A 296 14.25 -4.89 14.31
C ALA A 296 13.73 -6.16 13.67
N SER A 297 14.64 -7.09 13.40
CA SER A 297 14.24 -8.37 12.81
C SER A 297 13.34 -9.13 13.77
N GLY A 298 12.24 -9.66 13.22
CA GLY A 298 11.32 -10.46 14.00
C GLY A 298 10.09 -9.73 14.50
N GLU A 299 9.91 -8.46 14.13
CA GLU A 299 8.74 -7.69 14.51
C GLU A 299 7.79 -7.58 13.33
N GLU A 300 6.50 -7.69 13.60
CA GLU A 300 5.47 -7.66 12.57
C GLU A 300 4.48 -6.53 12.83
N ILE A 301 4.09 -5.83 11.76
CA ILE A 301 3.09 -4.77 11.83
C ILE A 301 1.75 -5.35 11.40
N ALA A 302 0.71 -5.10 12.21
CA ALA A 302 -0.59 -5.70 12.00
C ALA A 302 -1.63 -4.62 11.77
N THR A 303 -2.73 -5.00 11.14
CA THR A 303 -3.85 -4.09 10.90
C THR A 303 -5.06 -4.92 10.50
N ARG A 304 -6.14 -4.28 10.35
CA ARG A 304 -7.25 -5.07 9.85
C ARG A 304 -7.49 -4.76 8.37
N PRO A 305 -7.89 -5.74 7.56
CA PRO A 305 -8.10 -5.46 6.14
C PRO A 305 -9.17 -4.44 5.86
N PHE A 306 -10.06 -4.17 6.82
CA PHE A 306 -11.06 -3.13 6.65
C PHE A 306 -10.42 -1.75 6.52
N GLN A 307 -9.19 -1.57 7.00
CA GLN A 307 -8.50 -0.31 6.81
C GLN A 307 -7.99 -0.14 5.39
N LEU A 308 -7.73 -1.25 4.69
CA LEU A 308 -7.25 -1.14 3.31
C LEU A 308 -8.40 -1.17 2.32
N VAL A 309 -9.49 -1.87 2.63
CA VAL A 309 -10.62 -1.96 1.70
C VAL A 309 -11.25 -0.59 1.49
N THR A 310 -11.25 0.24 2.53
CA THR A 310 -11.90 1.55 2.41
C THR A 310 -10.96 2.65 1.97
N GLY A 311 -9.85 2.32 1.30
CA GLY A 311 -9.11 3.36 0.60
C GLY A 311 -7.63 3.51 0.86
N ARG A 312 -7.17 3.25 2.07
CA ARG A 312 -5.81 3.58 2.49
C ARG A 312 -4.75 2.71 1.83
N THR A 313 -3.47 3.11 1.96
CA THR A 313 -2.34 2.45 1.32
C THR A 313 -1.10 2.52 2.20
N TRP A 314 -0.40 1.39 2.33
CA TRP A 314 1.02 1.32 2.69
C TRP A 314 1.96 1.30 1.50
N LYS A 315 3.06 2.03 1.63
CA LYS A 315 4.18 1.96 0.70
C LYS A 315 5.45 2.32 1.45
N GLY A 316 6.59 2.03 0.85
CA GLY A 316 7.85 2.21 1.53
C GLY A 316 8.91 2.72 0.60
N THR A 317 10.02 3.18 1.19
CA THR A 317 11.07 3.81 0.39
C THR A 317 12.44 3.48 0.96
N ALA A 318 13.41 3.27 0.08
CA ALA A 318 14.80 3.09 0.46
C ALA A 318 15.64 4.06 -0.35
N PHE A 319 16.44 4.87 0.34
CA PHE A 319 17.16 5.98 -0.27
C PHE A 319 16.23 6.89 -1.05
N GLY A 320 15.07 7.17 -0.44
CA GLY A 320 14.16 8.17 -0.94
C GLY A 320 13.71 7.99 -2.38
N GLY A 321 14.00 6.83 -2.97
CA GLY A 321 13.61 6.58 -4.34
C GLY A 321 14.51 7.22 -5.37
N TRP A 322 15.57 7.92 -4.95
CA TRP A 322 16.50 8.51 -5.89
C TRP A 322 17.28 7.42 -6.61
N LYS A 323 17.62 7.68 -7.87
CA LYS A 323 18.59 6.85 -8.59
C LYS A 323 19.97 7.45 -8.32
N SER A 324 20.76 6.77 -7.51
CA SER A 324 21.80 7.43 -6.73
C SER A 324 22.81 8.16 -7.59
N VAL A 325 23.41 7.46 -8.56
CA VAL A 325 24.56 8.03 -9.27
C VAL A 325 24.15 9.25 -10.08
N GLU A 326 23.01 9.20 -10.75
CA GLU A 326 22.59 10.28 -11.62
C GLU A 326 21.79 11.35 -10.89
N SER A 327 21.44 11.15 -9.62
CA SER A 327 20.58 12.07 -8.90
C SER A 327 21.25 12.82 -7.77
N VAL A 328 22.30 12.28 -7.15
CA VAL A 328 22.98 13.02 -6.09
C VAL A 328 23.60 14.32 -6.59
N PRO A 329 24.24 14.38 -7.77
CA PRO A 329 24.73 15.68 -8.26
C PRO A 329 23.66 16.75 -8.36
N LYS A 330 22.44 16.38 -8.76
CA LYS A 330 21.37 17.35 -8.81
C LYS A 330 21.05 17.88 -7.42
N LEU A 331 21.12 17.02 -6.40
CA LEU A 331 20.88 17.48 -5.04
C LEU A 331 21.95 18.44 -4.58
N VAL A 332 23.20 18.18 -4.95
CA VAL A 332 24.27 19.12 -4.59
C VAL A 332 24.05 20.47 -5.27
N SER A 333 23.64 20.44 -6.55
CA SER A 333 23.30 21.68 -7.25
C SER A 333 22.15 22.41 -6.56
N GLU A 334 21.13 21.67 -6.12
CA GLU A 334 20.02 22.29 -5.39
C GLU A 334 20.51 22.95 -4.11
N TYR A 335 21.43 22.31 -3.41
CA TYR A 335 21.98 22.94 -2.21
C TYR A 335 22.79 24.18 -2.55
N MET A 336 23.41 24.22 -3.74
CA MET A 336 24.13 25.43 -4.15
C MET A 336 23.21 26.62 -4.34
N SER A 337 21.98 26.39 -4.77
CA SER A 337 21.03 27.45 -5.06
CA SER A 337 21.05 27.47 -5.06
C SER A 337 20.17 27.83 -3.87
N LYS A 338 20.44 27.26 -2.70
CA LYS A 338 19.71 27.52 -1.46
C LYS A 338 18.26 27.07 -1.54
N LYS A 339 17.95 26.10 -2.40
CA LYS A 339 16.60 25.54 -2.44
C LYS A 339 16.32 24.66 -1.23
N ILE A 340 17.34 23.96 -0.71
CA ILE A 340 17.18 23.07 0.42
C ILE A 340 18.22 23.41 1.47
N LYS A 341 17.94 22.97 2.70
CA LYS A 341 18.74 23.31 3.87
C LYS A 341 19.63 22.13 4.26
N VAL A 342 20.94 22.34 4.23
CA VAL A 342 21.89 21.36 4.71
C VAL A 342 22.62 21.85 5.96
N ASP A 343 22.85 23.15 6.06
CA ASP A 343 23.63 23.70 7.15
C ASP A 343 22.90 23.64 8.49
N GLU A 344 21.58 23.42 8.48
CA GLU A 344 20.78 23.44 9.69
C GLU A 344 20.60 22.07 10.32
N PHE A 345 21.17 21.02 9.74
CA PHE A 345 21.08 19.69 10.33
C PHE A 345 22.25 19.38 11.26
N VAL A 346 23.44 19.86 10.93
CA VAL A 346 24.62 19.55 11.73
C VAL A 346 24.49 20.22 13.10
N THR A 347 24.55 19.41 14.15
CA THR A 347 24.41 19.92 15.51
C THR A 347 25.71 19.86 16.30
N HIS A 348 26.70 19.09 15.86
CA HIS A 348 27.96 18.97 16.58
C HIS A 348 29.08 18.72 15.57
N ASN A 349 30.30 19.03 16.00
CA ASN A 349 31.50 18.73 15.24
C ASN A 349 32.52 18.11 16.17
N LEU A 350 33.19 17.06 15.71
CA LEU A 350 34.18 16.36 16.50
C LEU A 350 35.44 16.13 15.69
N SER A 351 36.49 15.68 16.37
CA SER A 351 37.70 15.23 15.73
C SER A 351 37.69 13.71 15.61
N PHE A 352 38.66 13.18 14.88
CA PHE A 352 38.66 11.75 14.60
C PHE A 352 38.84 10.93 15.88
N ASP A 353 39.79 11.35 16.73
CA ASP A 353 40.09 10.60 17.94
C ASP A 353 38.91 10.53 18.89
N GLU A 354 38.05 11.54 18.89
CA GLU A 354 36.86 11.57 19.73
C GLU A 354 35.66 10.88 19.07
N ILE A 355 35.90 10.00 18.10
CA ILE A 355 34.78 9.42 17.36
C ILE A 355 33.82 8.70 18.31
N ASN A 356 34.36 8.03 19.33
CA ASN A 356 33.53 7.34 20.30
C ASN A 356 32.52 8.28 20.94
N LYS A 357 32.94 9.50 21.27
CA LYS A 357 32.05 10.46 21.89
C LYS A 357 30.78 10.64 21.07
N ALA A 358 30.92 10.63 19.74
CA ALA A 358 29.76 10.78 18.86
C ALA A 358 28.67 9.78 19.22
N PHE A 359 29.04 8.51 19.35
CA PHE A 359 28.05 7.49 19.66
C PHE A 359 27.30 7.83 20.93
N GLU A 360 28.01 8.31 21.95
CA GLU A 360 27.36 8.63 23.22
C GLU A 360 26.29 9.69 23.04
N LEU A 361 26.58 10.70 22.22
CA LEU A 361 25.55 11.71 21.95
C LEU A 361 24.31 11.07 21.35
N MET A 362 24.51 10.17 20.38
CA MET A 362 23.37 9.49 19.79
C MET A 362 22.61 8.65 20.81
N HIS A 363 23.31 8.20 21.85
CA HIS A 363 22.66 7.40 22.88
C HIS A 363 21.78 8.23 23.79
N SER A 364 21.91 9.56 23.75
CA SER A 364 21.19 10.44 24.66
C SER A 364 20.07 11.22 24.00
N GLY A 365 20.03 11.27 22.67
CA GLY A 365 19.03 12.07 21.98
C GLY A 365 19.20 13.56 22.15
N LYS A 366 20.44 14.06 22.09
CA LYS A 366 20.69 15.48 22.18
C LYS A 366 21.16 16.11 20.88
N SER A 367 21.32 15.33 19.81
CA SER A 367 21.84 15.82 18.56
C SER A 367 21.03 15.26 17.39
N ILE A 368 21.05 15.98 16.28
CA ILE A 368 20.43 15.50 15.05
C ILE A 368 21.49 14.73 14.25
N ARG A 369 22.54 15.41 13.81
CA ARG A 369 23.63 14.79 13.09
C ARG A 369 24.95 15.34 13.60
N THR A 370 25.95 14.46 13.71
CA THR A 370 27.30 14.83 14.11
C THR A 370 28.25 14.59 12.94
N VAL A 371 29.16 15.52 12.72
CA VAL A 371 30.11 15.45 11.62
C VAL A 371 31.52 15.30 12.18
N VAL A 372 32.25 14.31 11.68
CA VAL A 372 33.62 14.02 12.09
C VAL A 372 34.55 14.42 10.96
N LYS A 373 35.54 15.25 11.26
CA LYS A 373 36.52 15.66 10.28
C LYS A 373 37.70 14.71 10.29
N ILE A 374 37.93 14.06 9.16
CA ILE A 374 38.95 13.02 9.04
C ILE A 374 40.19 13.54 8.32
N GLU A 375 40.11 14.69 7.64
CA GLU A 375 41.17 15.23 6.80
C GLU A 375 41.57 14.24 5.73
N ASN B 3 -49.76 4.83 -5.22
CA ASN B 3 -49.93 5.79 -4.13
C ASN B 3 -50.67 5.15 -2.98
N GLU B 4 -50.67 3.83 -2.93
CA GLU B 4 -51.33 3.11 -1.84
C GLU B 4 -50.54 1.86 -1.51
N VAL B 5 -50.72 1.40 -0.27
CA VAL B 5 -49.95 0.25 0.22
C VAL B 5 -50.14 -0.95 -0.69
N ILE B 6 -49.03 -1.61 -1.02
CA ILE B 6 -49.01 -2.72 -1.97
C ILE B 6 -48.79 -4.01 -1.20
N LYS B 7 -49.61 -5.02 -1.48
CA LYS B 7 -49.43 -6.34 -0.89
C LYS B 7 -48.57 -7.18 -1.82
N CYS B 8 -47.51 -7.78 -1.27
CA CYS B 8 -46.61 -8.56 -2.12
C CYS B 8 -46.04 -9.73 -1.32
N LYS B 9 -45.28 -10.56 -2.01
CA LYS B 9 -44.65 -11.75 -1.46
C LYS B 9 -43.17 -11.49 -1.24
N ALA B 10 -42.66 -11.88 -0.07
CA ALA B 10 -41.27 -11.65 0.27
C ALA B 10 -40.72 -12.87 0.98
N ALA B 11 -39.40 -12.89 1.15
CA ALA B 11 -38.71 -13.99 1.82
C ALA B 11 -38.05 -13.42 3.07
N VAL B 12 -38.77 -13.49 4.18
CA VAL B 12 -38.33 -12.86 5.42
C VAL B 12 -37.49 -13.84 6.22
N ALA B 13 -36.50 -13.31 6.93
CA ALA B 13 -35.71 -14.08 7.88
C ALA B 13 -36.07 -13.60 9.28
N TRP B 14 -36.24 -14.53 10.20
CA TRP B 14 -36.69 -14.20 11.54
C TRP B 14 -35.63 -14.37 12.62
N GLU B 15 -34.70 -15.30 12.46
CA GLU B 15 -33.63 -15.49 13.42
C GLU B 15 -32.38 -15.94 12.69
N ALA B 16 -31.25 -15.76 13.36
CA ALA B 16 -29.98 -16.22 12.80
C ALA B 16 -29.94 -17.73 12.72
N GLY B 17 -29.48 -18.25 11.59
CA GLY B 17 -29.28 -19.67 11.41
C GLY B 17 -30.49 -20.47 10.99
N LYS B 18 -31.63 -19.83 10.79
CA LYS B 18 -32.81 -20.54 10.33
C LYS B 18 -33.05 -20.26 8.84
N PRO B 19 -33.80 -21.12 8.16
CA PRO B 19 -34.10 -20.85 6.75
C PRO B 19 -34.98 -19.62 6.58
N LEU B 20 -34.94 -19.07 5.37
CA LEU B 20 -35.87 -17.99 5.02
C LEU B 20 -37.28 -18.55 4.87
N SER B 21 -38.27 -17.76 5.25
CA SER B 21 -39.67 -18.14 5.15
C SER B 21 -40.41 -17.19 4.22
N ILE B 22 -41.15 -17.75 3.27
CA ILE B 22 -41.91 -16.94 2.33
C ILE B 22 -43.19 -16.46 2.99
N GLU B 23 -43.43 -15.15 2.94
CA GLU B 23 -44.54 -14.53 3.63
C GLU B 23 -45.16 -13.45 2.76
N GLU B 24 -46.26 -12.89 3.26
CA GLU B 24 -46.95 -11.78 2.62
C GLU B 24 -46.71 -10.50 3.42
N ILE B 25 -46.30 -9.44 2.74
CA ILE B 25 -45.93 -8.19 3.39
C ILE B 25 -46.66 -7.03 2.73
N GLU B 26 -46.73 -5.93 3.46
CA GLU B 26 -47.31 -4.68 2.98
C GLU B 26 -46.18 -3.67 2.79
N VAL B 27 -46.18 -2.98 1.66
CA VAL B 27 -45.14 -2.01 1.32
C VAL B 27 -45.78 -0.64 1.18
N ALA B 28 -45.27 0.33 1.93
CA ALA B 28 -45.83 1.66 2.00
C ALA B 28 -45.50 2.47 0.74
N PRO B 29 -46.29 3.49 0.44
CA PRO B 29 -45.93 4.39 -0.65
C PRO B 29 -44.67 5.15 -0.31
N PRO B 30 -43.87 5.51 -1.32
CA PRO B 30 -42.64 6.26 -1.05
C PRO B 30 -42.91 7.69 -0.58
N LYS B 31 -42.02 8.18 0.27
CA LYS B 31 -42.07 9.55 0.74
C LYS B 31 -41.23 10.42 -0.18
N ALA B 32 -40.94 11.65 0.24
CA ALA B 32 -40.18 12.56 -0.60
C ALA B 32 -38.79 11.99 -0.85
N HIS B 33 -38.38 12.00 -2.13
CA HIS B 33 -37.09 11.48 -2.57
C HIS B 33 -36.96 9.98 -2.31
N GLU B 34 -37.89 9.22 -2.90
CA GLU B 34 -37.87 7.77 -2.82
C GLU B 34 -38.50 7.19 -4.08
N VAL B 35 -38.21 5.92 -4.33
CA VAL B 35 -38.62 5.24 -5.55
C VAL B 35 -39.11 3.84 -5.20
N ARG B 36 -40.23 3.44 -5.78
CA ARG B 36 -40.75 2.08 -5.67
C ARG B 36 -40.42 1.29 -6.93
N ILE B 37 -39.92 0.07 -6.75
CA ILE B 37 -39.38 -0.75 -7.82
C ILE B 37 -40.00 -2.13 -7.72
N LYS B 38 -40.42 -2.67 -8.87
CA LYS B 38 -40.81 -4.07 -8.96
C LYS B 38 -39.61 -4.90 -9.40
N ILE B 39 -39.09 -5.74 -8.52
CA ILE B 39 -37.93 -6.54 -8.82
C ILE B 39 -38.30 -7.63 -9.81
N ILE B 40 -37.48 -7.80 -10.85
CA ILE B 40 -37.68 -8.82 -11.85
C ILE B 40 -36.79 -10.04 -11.63
N ALA B 41 -35.50 -9.80 -11.41
CA ALA B 41 -34.55 -10.88 -11.15
C ALA B 41 -33.61 -10.46 -10.04
N THR B 42 -32.99 -11.45 -9.40
CA THR B 42 -32.03 -11.16 -8.35
C THR B 42 -30.97 -12.25 -8.34
N ALA B 43 -29.87 -11.97 -7.62
CA ALA B 43 -28.79 -12.93 -7.49
C ALA B 43 -28.42 -13.07 -6.01
N VAL B 44 -28.04 -14.29 -5.64
CA VAL B 44 -27.71 -14.63 -4.27
C VAL B 44 -26.20 -14.51 -4.12
N CYS B 45 -25.75 -13.61 -3.25
CA CYS B 45 -24.33 -13.37 -3.05
C CYS B 45 -23.87 -14.00 -1.75
N HIS B 46 -22.56 -13.94 -1.52
CA HIS B 46 -21.97 -14.63 -0.36
C HIS B 46 -22.23 -13.88 0.94
N THR B 47 -22.25 -12.55 0.89
CA THR B 47 -22.47 -11.78 2.11
C THR B 47 -23.89 -11.93 2.62
N ASP B 48 -24.85 -12.23 1.74
CA ASP B 48 -26.20 -12.53 2.21
C ASP B 48 -26.19 -13.75 3.13
N ALA B 49 -25.56 -14.84 2.68
CA ALA B 49 -25.48 -16.03 3.50
C ALA B 49 -24.66 -15.79 4.76
N TYR B 50 -23.62 -14.96 4.67
CA TYR B 50 -22.86 -14.61 5.87
C TYR B 50 -23.73 -13.93 6.92
N THR B 51 -24.55 -12.97 6.49
CA THR B 51 -25.45 -12.30 7.43
C THR B 51 -26.50 -13.26 7.97
N LEU B 52 -27.04 -14.13 7.11
CA LEU B 52 -28.08 -15.06 7.54
C LEU B 52 -27.53 -16.01 8.60
N SER B 53 -26.27 -16.45 8.46
CA SER B 53 -25.71 -17.39 9.43
C SER B 53 -25.70 -16.81 10.83
N GLY B 54 -25.61 -15.49 10.96
CA GLY B 54 -25.59 -14.83 12.25
C GLY B 54 -24.23 -14.43 12.76
N ALA B 55 -23.17 -14.69 11.99
CA ALA B 55 -21.82 -14.37 12.45
C ALA B 55 -21.55 -12.87 12.46
N ASP B 56 -22.31 -12.09 11.71
CA ASP B 56 -22.09 -10.65 11.62
C ASP B 56 -22.41 -9.99 12.95
N PRO B 57 -21.48 -9.23 13.54
CA PRO B 57 -21.80 -8.52 14.79
C PRO B 57 -22.85 -7.44 14.62
N GLU B 58 -23.13 -7.00 13.40
CA GLU B 58 -24.10 -5.94 13.15
C GLU B 58 -25.42 -6.46 12.61
N GLY B 59 -25.68 -7.76 12.70
CA GLY B 59 -26.90 -8.31 12.16
C GLY B 59 -28.11 -7.91 12.99
N CYS B 60 -29.18 -7.54 12.29
CA CYS B 60 -30.43 -7.16 12.93
C CYS B 60 -31.57 -7.90 12.26
N PHE B 61 -32.43 -8.52 13.07
CA PHE B 61 -33.53 -9.33 12.59
C PHE B 61 -34.85 -8.85 13.17
N PRO B 62 -35.96 -9.04 12.46
CA PRO B 62 -36.11 -9.62 11.12
C PRO B 62 -35.68 -8.67 10.02
N VAL B 63 -35.32 -9.21 8.85
CA VAL B 63 -34.74 -8.41 7.78
C VAL B 63 -34.98 -9.12 6.47
N ILE B 64 -35.03 -8.35 5.38
CA ILE B 64 -35.14 -8.88 4.02
C ILE B 64 -33.81 -8.64 3.33
N LEU B 65 -33.15 -9.72 2.91
CA LEU B 65 -31.80 -9.66 2.36
C LEU B 65 -31.85 -9.39 0.85
N GLY B 66 -30.70 -9.46 0.18
CA GLY B 66 -30.62 -9.21 -1.24
C GLY B 66 -30.08 -7.83 -1.57
N HIS B 67 -29.09 -7.76 -2.46
CA HIS B 67 -28.58 -6.46 -2.91
C HIS B 67 -28.15 -6.47 -4.36
N GLU B 68 -28.72 -7.34 -5.19
CA GLU B 68 -28.37 -7.44 -6.59
C GLU B 68 -29.65 -7.70 -7.37
N GLY B 69 -30.05 -6.77 -8.22
CA GLY B 69 -31.25 -6.98 -9.00
C GLY B 69 -31.51 -5.81 -9.91
N ALA B 70 -32.44 -6.02 -10.84
CA ALA B 70 -32.91 -5.00 -11.75
C ALA B 70 -34.41 -5.08 -11.83
N GLY B 71 -35.05 -3.95 -12.08
CA GLY B 71 -36.49 -3.90 -12.10
C GLY B 71 -37.04 -2.74 -12.90
N ILE B 72 -38.32 -2.44 -12.65
CA ILE B 72 -39.05 -1.42 -13.38
C ILE B 72 -39.73 -0.52 -12.36
N VAL B 73 -39.68 0.79 -12.59
CA VAL B 73 -40.23 1.77 -11.66
C VAL B 73 -41.76 1.76 -11.74
N GLU B 74 -42.41 1.88 -10.59
CA GLU B 74 -43.82 2.24 -10.53
C GLU B 74 -44.08 3.65 -10.02
N SER B 75 -43.66 3.96 -8.81
CA SER B 75 -44.01 5.23 -8.19
C SER B 75 -42.76 5.96 -7.75
N VAL B 76 -42.81 7.29 -7.81
CA VAL B 76 -41.73 8.13 -7.33
C VAL B 76 -42.33 9.14 -6.35
N GLY B 77 -41.50 9.54 -5.40
CA GLY B 77 -41.95 10.43 -4.35
C GLY B 77 -42.01 11.87 -4.82
N GLU B 78 -42.12 12.77 -3.84
CA GLU B 78 -42.15 14.20 -4.12
C GLU B 78 -40.73 14.73 -4.18
N GLY B 79 -40.43 15.44 -5.27
CA GLY B 79 -39.10 15.97 -5.49
C GLY B 79 -38.25 15.20 -6.46
N VAL B 80 -38.77 14.15 -7.07
CA VAL B 80 -38.03 13.35 -8.05
C VAL B 80 -38.34 13.88 -9.44
N THR B 81 -37.29 14.30 -10.15
CA THR B 81 -37.44 14.80 -11.52
C THR B 81 -36.49 14.10 -12.48
N LYS B 82 -35.91 12.98 -12.06
CA LYS B 82 -34.89 12.28 -12.85
C LYS B 82 -35.40 10.99 -13.47
N LEU B 83 -36.20 10.23 -12.74
CA LEU B 83 -36.69 8.94 -13.21
C LEU B 83 -38.22 8.91 -13.15
N LYS B 84 -38.83 8.38 -14.19
CA LYS B 84 -40.28 8.24 -14.26
C LYS B 84 -40.63 6.77 -14.36
N ALA B 85 -41.91 6.47 -14.17
CA ALA B 85 -42.35 5.07 -14.12
C ALA B 85 -42.11 4.38 -15.45
N GLY B 86 -41.91 3.06 -15.38
CA GLY B 86 -41.68 2.24 -16.55
C GLY B 86 -40.22 2.06 -16.94
N ASP B 87 -39.31 2.80 -16.31
CA ASP B 87 -37.88 2.72 -16.62
C ASP B 87 -37.29 1.42 -16.11
N THR B 88 -36.18 1.01 -16.74
CA THR B 88 -35.38 -0.11 -16.25
C THR B 88 -34.16 0.44 -15.51
N VAL B 89 -33.94 -0.05 -14.30
CA VAL B 89 -32.96 0.52 -13.38
C VAL B 89 -32.24 -0.59 -12.65
N ILE B 90 -31.17 -0.21 -11.94
CA ILE B 90 -30.44 -1.12 -11.08
C ILE B 90 -30.24 -0.42 -9.73
N PRO B 91 -30.69 -1.00 -8.62
CA PRO B 91 -30.33 -0.46 -7.31
C PRO B 91 -28.88 -0.71 -6.97
N LEU B 92 -28.34 0.13 -6.09
CA LEU B 92 -26.93 0.18 -5.80
C LEU B 92 -26.74 0.36 -4.30
N TYR B 93 -25.81 -0.38 -3.71
CA TYR B 93 -25.52 -0.19 -2.29
C TYR B 93 -24.46 0.85 -2.05
N ILE B 94 -23.97 1.50 -3.09
CA ILE B 94 -23.14 2.70 -2.98
C ILE B 94 -23.77 3.79 -3.84
N PRO B 95 -24.39 4.79 -3.23
CA PRO B 95 -25.12 5.81 -3.99
C PRO B 95 -24.16 6.80 -4.66
N GLN B 96 -24.73 7.87 -5.21
CA GLN B 96 -23.91 8.99 -5.66
C GLN B 96 -24.75 10.26 -5.60
N CYS B 97 -24.67 10.98 -4.49
CA CYS B 97 -25.37 12.26 -4.36
C CYS B 97 -24.76 13.31 -5.29
N GLY B 98 -23.45 13.46 -5.27
CA GLY B 98 -22.76 14.41 -6.12
C GLY B 98 -22.44 15.74 -5.47
N GLU B 99 -22.52 15.84 -4.14
CA GLU B 99 -22.35 17.13 -3.47
C GLU B 99 -21.35 17.07 -2.32
N CYS B 100 -21.23 15.91 -1.68
CA CYS B 100 -20.35 15.80 -0.52
C CYS B 100 -18.89 15.90 -0.95
N LYS B 101 -18.00 15.84 0.04
CA LYS B 101 -16.57 15.98 -0.26
C LYS B 101 -16.01 14.71 -0.90
N PHE B 102 -16.63 13.56 -0.66
CA PHE B 102 -16.17 12.33 -1.29
C PHE B 102 -16.59 12.24 -2.76
N CYS B 103 -17.67 12.93 -3.13
CA CYS B 103 -18.19 12.87 -4.49
C CYS B 103 -17.51 13.85 -5.44
N LEU B 104 -16.86 14.87 -4.92
CA LEU B 104 -16.13 15.84 -5.75
C LEU B 104 -14.66 15.50 -5.86
N ASN B 105 -14.22 14.37 -5.31
CA ASN B 105 -12.84 13.92 -5.38
C ASN B 105 -12.74 12.78 -6.37
N PRO B 106 -11.95 12.91 -7.45
CA PRO B 106 -11.85 11.81 -8.42
C PRO B 106 -11.10 10.58 -7.93
N LYS B 107 -10.53 10.61 -6.72
CA LYS B 107 -9.74 9.50 -6.22
C LYS B 107 -10.55 8.43 -5.50
N THR B 108 -11.83 8.68 -5.22
CA THR B 108 -12.62 7.81 -4.36
C THR B 108 -14.03 7.69 -4.88
N ASN B 109 -14.80 6.77 -4.28
CA ASN B 109 -16.21 6.64 -4.60
C ASN B 109 -17.06 6.29 -3.38
N LEU B 110 -16.60 6.57 -2.17
CA LEU B 110 -17.33 6.21 -0.96
C LEU B 110 -18.18 7.39 -0.51
N CYS B 111 -19.37 7.50 -1.07
CA CYS B 111 -20.30 8.54 -0.67
C CYS B 111 -20.74 8.33 0.77
N GLN B 112 -20.78 9.41 1.55
CA GLN B 112 -21.09 9.30 2.97
C GLN B 112 -22.32 10.11 3.36
N LYS B 113 -23.38 10.02 2.56
CA LYS B 113 -24.57 10.83 2.81
C LYS B 113 -25.63 10.10 3.63
N ILE B 114 -25.90 8.83 3.33
CA ILE B 114 -26.99 8.12 3.99
C ILE B 114 -26.52 6.81 4.60
N ARG B 115 -25.25 6.71 4.95
CA ARG B 115 -24.75 5.44 5.45
C ARG B 115 -25.17 5.18 6.89
N VAL B 116 -25.39 6.23 7.68
CA VAL B 116 -25.78 6.02 9.08
C VAL B 116 -27.15 5.36 9.17
N THR B 117 -28.11 5.80 8.34
CA THR B 117 -29.41 5.14 8.31
C THR B 117 -29.37 3.82 7.56
N GLN B 118 -28.54 3.72 6.52
CA GLN B 118 -28.45 2.49 5.76
C GLN B 118 -27.93 1.33 6.61
N GLY B 119 -26.95 1.61 7.47
CA GLY B 119 -26.43 0.56 8.33
C GLY B 119 -27.40 0.08 9.38
N LYS B 120 -28.35 0.92 9.77
CA LYS B 120 -29.35 0.57 10.76
C LYS B 120 -30.55 -0.14 10.16
N GLY B 121 -30.71 -0.10 8.84
CA GLY B 121 -31.84 -0.73 8.18
C GLY B 121 -33.06 0.14 8.09
N LEU B 122 -32.89 1.43 7.87
CA LEU B 122 -34.01 2.36 7.81
C LEU B 122 -33.83 3.29 6.61
N MET B 123 -34.94 3.84 6.14
CA MET B 123 -34.89 4.83 5.08
C MET B 123 -34.36 6.15 5.62
N PRO B 124 -33.90 7.06 4.75
CA PRO B 124 -33.29 8.30 5.25
C PRO B 124 -34.19 9.11 6.16
N ASP B 125 -35.52 9.03 5.98
CA ASP B 125 -36.42 9.71 6.89
C ASP B 125 -36.34 9.18 8.31
N GLY B 126 -35.96 7.92 8.49
CA GLY B 126 -35.79 7.34 9.80
C GLY B 126 -36.69 6.16 10.09
N THR B 127 -37.52 5.73 9.14
CA THR B 127 -38.45 4.64 9.35
C THR B 127 -38.29 3.60 8.24
N SER B 128 -38.99 2.48 8.40
CA SER B 128 -38.98 1.39 7.44
C SER B 128 -40.35 1.28 6.78
N ARG B 129 -40.36 0.77 5.54
CA ARG B 129 -41.58 0.66 4.74
C ARG B 129 -42.15 -0.76 4.69
N PHE B 130 -41.63 -1.69 5.47
CA PHE B 130 -42.06 -3.09 5.40
C PHE B 130 -42.78 -3.47 6.68
N THR B 131 -44.03 -3.87 6.56
CA THR B 131 -44.85 -4.30 7.69
C THR B 131 -45.23 -5.76 7.47
N CYS B 132 -45.09 -6.56 8.52
CA CYS B 132 -45.48 -7.97 8.46
C CYS B 132 -46.15 -8.34 9.78
N LYS B 133 -47.46 -8.58 9.72
CA LYS B 133 -48.24 -9.06 10.87
C LYS B 133 -48.08 -8.15 12.09
N GLY B 134 -48.05 -6.84 11.84
CA GLY B 134 -47.90 -5.90 12.92
C GLY B 134 -46.49 -5.67 13.40
N LYS B 135 -45.48 -6.17 12.70
CA LYS B 135 -44.09 -5.89 13.01
C LYS B 135 -43.45 -5.13 11.86
N THR B 136 -42.35 -4.44 12.15
CA THR B 136 -41.60 -3.71 11.15
C THR B 136 -40.36 -4.50 10.75
N ILE B 137 -40.13 -4.63 9.46
CA ILE B 137 -39.00 -5.37 8.91
C ILE B 137 -37.99 -4.37 8.36
N LEU B 138 -36.74 -4.51 8.78
CA LEU B 138 -35.70 -3.59 8.36
C LEU B 138 -35.22 -3.90 6.95
N HIS B 139 -34.58 -2.91 6.33
CA HIS B 139 -33.97 -3.07 5.03
C HIS B 139 -32.54 -3.58 5.15
N TYR B 140 -32.01 -4.12 4.06
CA TYR B 140 -30.66 -4.67 4.03
C TYR B 140 -29.86 -3.93 2.97
N MET B 141 -28.75 -3.32 3.38
CA MET B 141 -27.79 -2.68 2.49
C MET B 141 -28.43 -1.71 1.53
N GLY B 142 -29.56 -1.12 1.92
CA GLY B 142 -30.18 -0.06 1.17
C GLY B 142 -31.00 -0.49 -0.03
N THR B 143 -31.09 -1.79 -0.32
CA THR B 143 -31.85 -2.26 -1.47
C THR B 143 -32.96 -3.21 -1.09
N SER B 144 -32.66 -4.35 -0.46
CA SER B 144 -33.66 -5.36 -0.08
C SER B 144 -34.40 -5.91 -1.29
N THR B 145 -33.70 -6.69 -2.10
CA THR B 145 -34.26 -7.20 -3.34
C THR B 145 -34.83 -8.61 -3.23
N PHE B 146 -34.90 -9.20 -2.05
CA PHE B 146 -35.60 -10.48 -1.93
C PHE B 146 -37.08 -10.27 -1.71
N SER B 147 -37.68 -9.47 -2.60
CA SER B 147 -39.06 -9.03 -2.47
C SER B 147 -39.59 -8.68 -3.85
N GLU B 148 -40.91 -8.69 -3.99
CA GLU B 148 -41.52 -8.35 -5.28
C GLU B 148 -41.58 -6.84 -5.49
N TYR B 149 -41.64 -6.06 -4.43
CA TYR B 149 -41.59 -4.61 -4.50
C TYR B 149 -40.65 -4.11 -3.43
N THR B 150 -39.90 -3.07 -3.72
CA THR B 150 -38.99 -2.52 -2.73
C THR B 150 -38.84 -1.02 -2.94
N VAL B 151 -38.55 -0.32 -1.85
CA VAL B 151 -38.46 1.14 -1.84
C VAL B 151 -37.01 1.50 -1.55
N VAL B 152 -36.44 2.37 -2.39
CA VAL B 152 -35.05 2.79 -2.24
C VAL B 152 -34.98 4.31 -2.36
N ALA B 153 -33.85 4.85 -1.93
CA ALA B 153 -33.61 6.28 -2.07
C ALA B 153 -33.36 6.63 -3.53
N ASP B 154 -33.47 7.92 -3.84
CA ASP B 154 -33.36 8.36 -5.23
C ASP B 154 -31.94 8.40 -5.72
N ILE B 155 -30.95 8.38 -4.82
CA ILE B 155 -29.54 8.42 -5.21
C ILE B 155 -28.92 7.03 -5.30
N SER B 156 -29.71 5.98 -5.07
CA SER B 156 -29.22 4.61 -5.12
C SER B 156 -29.70 3.87 -6.37
N VAL B 157 -30.07 4.61 -7.41
CA VAL B 157 -30.70 4.02 -8.59
C VAL B 157 -29.92 4.46 -9.83
N ALA B 158 -29.54 3.50 -10.67
CA ALA B 158 -28.88 3.79 -11.93
C ALA B 158 -29.79 3.41 -13.09
N LYS B 159 -29.80 4.23 -14.13
CA LYS B 159 -30.70 4.06 -15.26
C LYS B 159 -29.97 3.44 -16.44
N ILE B 160 -30.46 2.31 -16.94
CA ILE B 160 -29.76 1.57 -17.98
C ILE B 160 -30.56 1.55 -19.29
N ASP B 161 -29.97 0.95 -20.32
CA ASP B 161 -30.61 0.87 -21.63
C ASP B 161 -31.81 -0.07 -21.57
N PRO B 162 -32.99 0.35 -22.04
CA PRO B 162 -34.16 -0.52 -21.96
C PRO B 162 -34.04 -1.83 -22.74
N LEU B 163 -33.11 -1.92 -23.69
CA LEU B 163 -32.95 -3.14 -24.47
C LEU B 163 -32.23 -4.25 -23.72
N ALA B 164 -31.64 -3.96 -22.57
CA ALA B 164 -30.84 -4.95 -21.87
C ALA B 164 -31.72 -6.08 -21.33
N PRO B 165 -31.27 -7.33 -21.41
CA PRO B 165 -32.01 -8.42 -20.76
C PRO B 165 -31.84 -8.33 -19.25
N LEU B 166 -32.95 -8.09 -18.55
CA LEU B 166 -32.90 -7.87 -17.12
C LEU B 166 -32.63 -9.15 -16.33
N ASP B 167 -32.70 -10.32 -16.97
CA ASP B 167 -32.50 -11.58 -16.28
C ASP B 167 -31.02 -11.93 -16.11
N LYS B 168 -30.11 -11.17 -16.70
CA LYS B 168 -28.67 -11.42 -16.56
C LYS B 168 -27.85 -10.18 -16.28
N VAL B 169 -28.33 -8.98 -16.63
CA VAL B 169 -27.61 -7.75 -16.34
C VAL B 169 -27.60 -7.41 -14.86
N CYS B 170 -28.41 -8.12 -14.06
CA CYS B 170 -28.46 -7.87 -12.62
C CYS B 170 -27.14 -8.18 -11.94
N LEU B 171 -26.34 -9.08 -12.52
CA LEU B 171 -25.10 -9.51 -11.91
C LEU B 171 -24.06 -8.40 -11.86
N LEU B 172 -24.27 -7.31 -12.58
CA LEU B 172 -23.37 -6.16 -12.56
C LEU B 172 -23.54 -5.29 -11.33
N GLY B 173 -24.13 -5.83 -10.26
CA GLY B 173 -24.33 -5.09 -9.05
C GLY B 173 -23.20 -5.22 -8.06
N CYS B 174 -22.71 -6.45 -7.83
CA CYS B 174 -21.69 -6.67 -6.81
C CYS B 174 -20.43 -7.35 -7.32
N GLY B 175 -20.55 -8.44 -8.09
CA GLY B 175 -19.39 -9.27 -8.37
C GLY B 175 -18.56 -8.95 -9.58
N ILE B 176 -19.19 -8.99 -10.76
CA ILE B 176 -18.48 -8.74 -12.00
C ILE B 176 -17.91 -7.34 -12.02
N SER B 177 -18.69 -6.37 -11.54
CA SER B 177 -18.21 -5.00 -11.47
C SER B 177 -17.00 -4.88 -10.56
N THR B 178 -17.03 -5.55 -9.40
CA THR B 178 -15.91 -5.47 -8.47
C THR B 178 -14.64 -6.04 -9.07
N GLY B 179 -14.74 -7.20 -9.71
CA GLY B 179 -13.55 -7.78 -10.32
C GLY B 179 -13.00 -6.95 -11.47
N TYR B 180 -13.89 -6.51 -12.36
CA TYR B 180 -13.46 -5.74 -13.50
C TYR B 180 -12.82 -4.43 -13.06
N GLY B 181 -13.40 -3.77 -12.07
CA GLY B 181 -12.83 -2.54 -11.56
C GLY B 181 -11.52 -2.76 -10.85
N ALA B 182 -11.39 -3.85 -10.08
CA ALA B 182 -10.12 -4.14 -9.45
C ALA B 182 -9.04 -4.30 -10.50
N ALA B 183 -9.36 -4.90 -11.64
CA ALA B 183 -8.35 -5.09 -12.67
C ALA B 183 -7.99 -3.78 -13.37
N VAL B 184 -8.97 -2.96 -13.75
CA VAL B 184 -8.71 -1.84 -14.65
C VAL B 184 -8.82 -0.47 -13.99
N ASN B 185 -9.14 -0.39 -12.69
CA ASN B 185 -9.23 0.90 -12.01
C ASN B 185 -8.22 1.05 -10.89
N THR B 186 -8.21 0.15 -9.91
CA THR B 186 -7.34 0.28 -8.76
C THR B 186 -5.91 -0.10 -9.09
N ALA B 187 -5.72 -1.08 -9.97
CA ALA B 187 -4.39 -1.52 -10.36
C ALA B 187 -3.84 -0.72 -11.54
N LYS B 188 -4.64 -0.56 -12.60
CA LYS B 188 -4.23 0.14 -13.81
C LYS B 188 -2.99 -0.51 -14.42
N LEU B 189 -3.17 -1.74 -14.88
CA LEU B 189 -2.03 -2.54 -15.30
C LEU B 189 -1.71 -2.32 -16.77
N GLU B 190 -0.42 -2.18 -17.05
CA GLU B 190 0.10 -1.92 -18.39
C GLU B 190 0.23 -3.21 -19.19
N PRO B 191 0.24 -3.14 -20.52
CA PRO B 191 0.39 -4.35 -21.33
C PRO B 191 1.70 -5.07 -21.06
N GLY B 192 1.64 -6.40 -21.12
CA GLY B 192 2.80 -7.23 -20.93
C GLY B 192 3.11 -7.63 -19.51
N SER B 193 2.22 -7.37 -18.56
CA SER B 193 2.48 -7.63 -17.16
C SER B 193 2.15 -9.09 -16.81
N VAL B 194 2.58 -9.50 -15.62
CA VAL B 194 2.30 -10.83 -15.09
C VAL B 194 1.43 -10.68 -13.84
N CYS B 195 0.32 -11.41 -13.81
CA CYS B 195 -0.68 -11.29 -12.76
C CYS B 195 -0.95 -12.65 -12.15
N ALA B 196 -1.29 -12.65 -10.85
CA ALA B 196 -1.67 -13.85 -10.13
C ALA B 196 -2.96 -13.59 -9.36
N VAL B 197 -3.86 -14.56 -9.37
CA VAL B 197 -5.18 -14.43 -8.77
C VAL B 197 -5.32 -15.53 -7.71
N PHE B 198 -5.72 -15.15 -6.50
CA PHE B 198 -5.93 -16.13 -5.43
C PHE B 198 -7.43 -16.35 -5.24
N GLY B 199 -7.87 -17.58 -5.41
CA GLY B 199 -9.28 -17.89 -5.40
C GLY B 199 -9.88 -17.79 -6.78
N LEU B 200 -10.81 -18.66 -7.12
CA LEU B 200 -11.39 -18.71 -8.47
C LEU B 200 -12.91 -18.81 -8.40
N GLY B 201 -13.53 -17.94 -7.61
CA GLY B 201 -14.97 -17.81 -7.59
C GLY B 201 -15.44 -16.82 -8.64
N GLY B 202 -16.56 -16.16 -8.33
CA GLY B 202 -17.05 -15.14 -9.24
C GLY B 202 -16.12 -13.95 -9.33
N VAL B 203 -15.64 -13.47 -8.20
CA VAL B 203 -14.75 -12.31 -8.19
C VAL B 203 -13.42 -12.64 -8.86
N GLY B 204 -12.88 -13.83 -8.61
CA GLY B 204 -11.63 -14.22 -9.24
C GLY B 204 -11.74 -14.29 -10.75
N LEU B 205 -12.82 -14.87 -11.25
CA LEU B 205 -12.99 -14.98 -12.69
C LEU B 205 -13.23 -13.62 -13.33
N ALA B 206 -13.92 -12.72 -12.63
CA ALA B 206 -14.05 -11.36 -13.14
C ALA B 206 -12.71 -10.66 -13.20
N VAL B 207 -11.85 -10.87 -12.20
CA VAL B 207 -10.52 -10.27 -12.21
C VAL B 207 -9.70 -10.81 -13.37
N ILE B 208 -9.77 -12.12 -13.61
CA ILE B 208 -9.07 -12.72 -14.75
C ILE B 208 -9.55 -12.11 -16.06
N MET B 209 -10.86 -11.94 -16.21
CA MET B 209 -11.40 -11.32 -17.41
C MET B 209 -10.85 -9.92 -17.60
N GLY B 210 -10.79 -9.13 -16.51
CA GLY B 210 -10.28 -7.79 -16.62
C GLY B 210 -8.80 -7.74 -16.98
N CYS B 211 -8.02 -8.66 -16.40
CA CYS B 211 -6.60 -8.72 -16.73
C CYS B 211 -6.38 -9.10 -18.19
N LYS B 212 -7.17 -10.04 -18.71
CA LYS B 212 -7.05 -10.41 -20.12
C LYS B 212 -7.46 -9.25 -21.03
N VAL B 213 -8.52 -8.53 -20.66
CA VAL B 213 -8.95 -7.38 -21.45
C VAL B 213 -7.88 -6.29 -21.46
N ALA B 214 -7.27 -6.02 -20.30
CA ALA B 214 -6.34 -4.91 -20.19
C ALA B 214 -5.07 -5.18 -21.00
N GLY B 215 -4.59 -6.42 -21.01
CA GLY B 215 -3.49 -6.76 -21.89
C GLY B 215 -2.31 -7.47 -21.26
N ALA B 216 -2.50 -8.06 -20.09
CA ALA B 216 -1.43 -8.82 -19.46
C ALA B 216 -1.11 -10.07 -20.27
N SER B 217 0.16 -10.46 -20.23
CA SER B 217 0.65 -11.57 -21.04
C SER B 217 0.51 -12.92 -20.34
N ARG B 218 0.80 -12.99 -19.05
CA ARG B 218 0.82 -14.24 -18.30
C ARG B 218 -0.08 -14.10 -17.08
N ILE B 219 -0.96 -15.07 -16.88
CA ILE B 219 -1.91 -15.06 -15.76
C ILE B 219 -1.87 -16.43 -15.07
N ILE B 220 -1.74 -16.41 -13.74
CA ILE B 220 -1.61 -17.62 -12.94
C ILE B 220 -2.79 -17.69 -11.97
N GLY B 221 -3.49 -18.81 -11.96
CA GLY B 221 -4.62 -19.02 -11.07
C GLY B 221 -4.25 -19.98 -9.96
N VAL B 222 -4.60 -19.60 -8.73
CA VAL B 222 -4.24 -20.36 -7.53
C VAL B 222 -5.52 -20.72 -6.79
N ASP B 223 -5.69 -21.98 -6.46
CA ASP B 223 -6.86 -22.44 -5.72
C ASP B 223 -6.57 -23.83 -5.17
N ILE B 224 -7.35 -24.23 -4.17
CA ILE B 224 -7.19 -25.55 -3.56
C ILE B 224 -8.26 -26.54 -4.02
N ASN B 225 -9.14 -26.15 -4.93
CA ASN B 225 -10.13 -27.05 -5.50
C ASN B 225 -9.86 -27.17 -6.99
N LYS B 226 -9.63 -28.40 -7.46
CA LYS B 226 -9.25 -28.61 -8.85
C LYS B 226 -10.40 -28.31 -9.81
N ASP B 227 -11.64 -28.53 -9.38
CA ASP B 227 -12.80 -28.40 -10.27
C ASP B 227 -12.94 -27.00 -10.85
N LYS B 228 -12.32 -25.99 -10.24
CA LYS B 228 -12.40 -24.64 -10.78
C LYS B 228 -11.49 -24.43 -11.98
N PHE B 229 -10.35 -25.13 -12.03
CA PHE B 229 -9.29 -24.76 -12.97
C PHE B 229 -9.80 -24.69 -14.39
N ALA B 230 -10.65 -25.63 -14.79
CA ALA B 230 -11.15 -25.68 -16.16
C ALA B 230 -11.74 -24.33 -16.56
N ARG B 231 -12.67 -23.82 -15.75
CA ARG B 231 -13.33 -22.57 -16.12
C ARG B 231 -12.33 -21.43 -16.22
N ALA B 232 -11.32 -21.43 -15.34
CA ALA B 232 -10.32 -20.38 -15.39
C ALA B 232 -9.62 -20.37 -16.73
N LYS B 233 -9.28 -21.55 -17.25
CA LYS B 233 -8.58 -21.62 -18.54
C LYS B 233 -9.46 -21.11 -19.67
N GLU B 234 -10.78 -21.16 -19.49
CA GLU B 234 -11.68 -20.64 -20.50
C GLU B 234 -11.75 -19.12 -20.47
N PHE B 235 -11.49 -18.51 -19.31
CA PHE B 235 -11.59 -17.07 -19.16
C PHE B 235 -10.30 -16.34 -19.48
N GLY B 236 -9.17 -17.04 -19.55
CA GLY B 236 -7.94 -16.39 -19.95
C GLY B 236 -6.71 -16.73 -19.12
N ALA B 237 -6.88 -17.53 -18.08
CA ALA B 237 -5.74 -17.92 -17.27
C ALA B 237 -4.85 -18.88 -18.04
N THR B 238 -3.55 -18.59 -18.07
CA THR B 238 -2.63 -19.43 -18.82
C THR B 238 -2.30 -20.72 -18.09
N GLU B 239 -2.22 -20.68 -16.77
CA GLU B 239 -1.89 -21.87 -16.00
C GLU B 239 -2.50 -21.76 -14.61
N CYS B 240 -2.70 -22.91 -13.97
CA CYS B 240 -3.32 -22.98 -12.66
C CYS B 240 -2.54 -23.95 -11.77
N ILE B 241 -2.42 -23.60 -10.48
CA ILE B 241 -1.63 -24.38 -9.55
C ILE B 241 -2.45 -24.66 -8.29
N ASN B 242 -1.99 -25.64 -7.53
CA ASN B 242 -2.67 -26.13 -6.34
C ASN B 242 -1.70 -26.16 -5.17
N PRO B 243 -1.93 -25.40 -4.10
CA PRO B 243 -0.94 -25.36 -3.00
C PRO B 243 -0.71 -26.71 -2.34
N GLN B 244 -1.67 -27.64 -2.42
CA GLN B 244 -1.53 -28.92 -1.76
C GLN B 244 -0.59 -29.87 -2.49
N ASP B 245 -0.26 -29.59 -3.76
CA ASP B 245 0.65 -30.42 -4.52
C ASP B 245 2.12 -30.11 -4.24
N PHE B 246 2.40 -29.06 -3.48
CA PHE B 246 3.75 -28.64 -3.18
C PHE B 246 3.98 -28.62 -1.68
N SER B 247 5.15 -29.06 -1.25
CA SER B 247 5.49 -29.00 0.17
C SER B 247 5.90 -27.60 0.60
N LYS B 248 6.57 -26.85 -0.27
CA LYS B 248 7.02 -25.50 0.08
C LYS B 248 5.84 -24.55 0.16
N PRO B 249 6.00 -23.44 0.89
CA PRO B 249 4.93 -22.42 0.93
C PRO B 249 4.69 -21.83 -0.45
N ILE B 250 3.46 -21.35 -0.66
CA ILE B 250 3.01 -20.98 -2.01
C ILE B 250 3.78 -19.80 -2.57
N GLN B 251 4.17 -18.84 -1.73
CA GLN B 251 4.89 -17.68 -2.24
C GLN B 251 6.26 -18.06 -2.77
N GLU B 252 6.91 -19.06 -2.16
CA GLU B 252 8.19 -19.53 -2.69
C GLU B 252 8.02 -20.24 -4.03
N VAL B 253 6.93 -21.00 -4.19
CA VAL B 253 6.65 -21.63 -5.47
C VAL B 253 6.46 -20.57 -6.55
N LEU B 254 5.69 -19.52 -6.26
CA LEU B 254 5.47 -18.47 -7.24
C LEU B 254 6.75 -17.71 -7.55
N ILE B 255 7.58 -17.45 -6.54
CA ILE B 255 8.84 -16.76 -6.75
C ILE B 255 9.75 -17.56 -7.66
N GLU B 256 9.84 -18.88 -7.42
CA GLU B 256 10.65 -19.73 -8.28
C GLU B 256 10.08 -19.79 -9.69
N MET B 257 8.75 -19.88 -9.82
CA MET B 257 8.13 -20.06 -11.13
C MET B 257 8.31 -18.83 -12.01
N THR B 258 8.08 -17.64 -11.47
CA THR B 258 8.09 -16.43 -12.28
C THR B 258 9.42 -15.70 -12.29
N ASP B 259 10.46 -16.26 -11.66
CA ASP B 259 11.79 -15.66 -11.59
C ASP B 259 11.73 -14.30 -10.91
N GLY B 260 11.43 -14.32 -9.61
CA GLY B 260 11.44 -13.14 -8.79
C GLY B 260 10.11 -12.81 -8.16
N GLY B 261 9.03 -12.99 -8.92
CA GLY B 261 7.71 -12.70 -8.42
C GLY B 261 6.82 -12.10 -9.48
N VAL B 262 5.53 -12.09 -9.21
CA VAL B 262 4.56 -11.56 -10.16
C VAL B 262 4.54 -10.04 -10.09
N ASP B 263 3.95 -9.42 -11.11
CA ASP B 263 3.82 -7.97 -11.10
C ASP B 263 2.61 -7.53 -10.29
N TYR B 264 1.48 -8.20 -10.45
CA TYR B 264 0.27 -7.86 -9.71
C TYR B 264 -0.29 -9.11 -9.05
N SER B 265 -0.79 -8.96 -7.83
CA SER B 265 -1.43 -10.08 -7.14
C SER B 265 -2.76 -9.64 -6.55
N PHE B 266 -3.83 -10.32 -6.93
CA PHE B 266 -5.17 -10.01 -6.47
C PHE B 266 -5.61 -11.09 -5.49
N GLU B 267 -6.07 -10.67 -4.30
CA GLU B 267 -6.46 -11.59 -3.25
C GLU B 267 -7.97 -11.52 -3.11
N CYS B 268 -8.66 -12.63 -3.40
CA CYS B 268 -10.11 -12.63 -3.58
C CYS B 268 -10.78 -13.69 -2.72
N ILE B 269 -10.27 -13.93 -1.52
CA ILE B 269 -10.82 -15.00 -0.69
C ILE B 269 -11.44 -14.46 0.58
N GLY B 270 -10.61 -13.87 1.43
CA GLY B 270 -10.98 -13.54 2.78
C GLY B 270 -10.22 -14.30 3.85
N ASN B 271 -9.04 -14.80 3.53
CA ASN B 271 -8.19 -15.53 4.47
C ASN B 271 -6.95 -14.69 4.74
N VAL B 272 -6.67 -14.42 6.01
CA VAL B 272 -5.57 -13.52 6.34
C VAL B 272 -4.23 -14.13 5.98
N LYS B 273 -4.09 -15.46 6.11
CA LYS B 273 -2.86 -16.13 5.73
C LYS B 273 -2.62 -16.04 4.24
N VAL B 274 -3.68 -16.18 3.44
CA VAL B 274 -3.55 -16.02 2.00
C VAL B 274 -3.18 -14.58 1.65
N MET B 275 -3.68 -13.61 2.40
CA MET B 275 -3.30 -12.21 2.13
C MET B 275 -1.81 -11.99 2.37
N ARG B 276 -1.28 -12.53 3.47
CA ARG B 276 0.16 -12.41 3.70
C ARG B 276 0.95 -13.11 2.59
N ALA B 277 0.51 -14.30 2.20
CA ALA B 277 1.20 -15.01 1.11
C ALA B 277 1.13 -14.24 -0.19
N ALA B 278 0.05 -13.49 -0.41
CA ALA B 278 -0.08 -12.71 -1.64
C ALA B 278 0.84 -11.51 -1.63
N LEU B 279 1.02 -10.88 -0.47
CA LEU B 279 1.98 -9.77 -0.45
C LEU B 279 3.39 -10.28 -0.68
N GLU B 280 3.75 -11.42 -0.09
CA GLU B 280 5.14 -11.84 -0.16
C GLU B 280 5.50 -12.46 -1.51
N ALA B 281 4.56 -12.55 -2.45
CA ALA B 281 4.81 -13.13 -3.76
C ALA B 281 4.93 -12.10 -4.87
N CYS B 282 4.87 -10.81 -4.56
CA CYS B 282 5.04 -9.77 -5.56
C CYS B 282 6.50 -9.47 -5.78
N HIS B 283 6.80 -8.88 -6.93
CA HIS B 283 8.19 -8.64 -7.31
C HIS B 283 8.80 -7.56 -6.44
N LYS B 284 10.08 -7.71 -6.13
CA LYS B 284 10.79 -6.68 -5.40
C LYS B 284 11.00 -5.47 -6.28
N GLY B 285 10.70 -4.30 -5.75
CA GLY B 285 10.86 -3.09 -6.51
C GLY B 285 9.63 -2.44 -7.09
N TRP B 286 8.70 -3.24 -7.64
CA TRP B 286 7.54 -2.64 -8.29
C TRP B 286 6.27 -3.49 -8.18
N GLY B 287 6.16 -4.34 -7.17
CA GLY B 287 4.99 -5.19 -7.06
C GLY B 287 3.84 -4.50 -6.36
N VAL B 288 2.62 -4.96 -6.64
CA VAL B 288 1.39 -4.39 -6.07
C VAL B 288 0.44 -5.53 -5.71
N SER B 289 -0.21 -5.42 -4.55
CA SER B 289 -1.18 -6.40 -4.08
C SER B 289 -2.49 -5.73 -3.72
N VAL B 290 -3.58 -6.25 -4.29
CA VAL B 290 -4.90 -5.64 -4.18
C VAL B 290 -5.80 -6.59 -3.42
N VAL B 291 -6.41 -6.09 -2.35
CA VAL B 291 -7.28 -6.86 -1.47
C VAL B 291 -8.72 -6.60 -1.89
N VAL B 292 -9.45 -7.65 -2.25
CA VAL B 292 -10.82 -7.52 -2.75
C VAL B 292 -11.83 -8.15 -1.79
N GLY B 293 -11.46 -9.25 -1.14
CA GLY B 293 -12.36 -9.91 -0.21
C GLY B 293 -12.43 -9.25 1.15
N VAL B 294 -13.44 -9.63 1.92
CA VAL B 294 -13.68 -9.08 3.24
C VAL B 294 -13.49 -10.19 4.28
N ALA B 295 -12.70 -9.90 5.31
CA ALA B 295 -12.39 -10.86 6.34
C ALA B 295 -13.37 -10.75 7.49
N ALA B 296 -13.40 -11.80 8.33
CA ALA B 296 -14.23 -11.77 9.51
C ALA B 296 -13.71 -10.73 10.50
N SER B 297 -14.62 -10.16 11.28
CA SER B 297 -14.22 -9.17 12.27
C SER B 297 -13.31 -9.80 13.32
N GLY B 298 -12.22 -9.11 13.63
CA GLY B 298 -11.29 -9.56 14.64
C GLY B 298 -10.06 -10.29 14.12
N GLU B 299 -9.89 -10.38 12.81
CA GLU B 299 -8.72 -10.99 12.21
C GLU B 299 -7.77 -9.92 11.70
N GLU B 300 -6.48 -10.13 11.90
CA GLU B 300 -5.45 -9.18 11.52
C GLU B 300 -4.47 -9.81 10.54
N ILE B 301 -4.08 -9.05 9.52
CA ILE B 301 -3.08 -9.47 8.54
C ILE B 301 -1.73 -8.88 8.94
N ALA B 302 -0.70 -9.71 8.98
CA ALA B 302 0.61 -9.32 9.47
C ALA B 302 1.65 -9.47 8.38
N THR B 303 2.75 -8.75 8.52
CA THR B 303 3.86 -8.83 7.58
C THR B 303 5.07 -8.17 8.22
N ARG B 304 6.15 -8.25 7.57
CA ARG B 304 7.26 -7.50 8.14
C ARG B 304 7.50 -6.23 7.33
N PRO B 305 7.90 -5.13 7.98
CA PRO B 305 8.11 -3.89 7.22
C PRO B 305 9.18 -3.98 6.17
N PHE B 306 10.07 -4.97 6.25
CA PHE B 306 11.07 -5.16 5.21
C PHE B 306 10.43 -5.52 3.87
N GLN B 307 9.20 -6.03 3.87
CA GLN B 307 8.51 -6.28 2.61
C GLN B 307 7.99 -5.01 1.98
N LEU B 308 7.73 -3.97 2.77
CA LEU B 308 7.26 -2.72 2.20
C LEU B 308 8.40 -1.77 1.89
N VAL B 309 9.49 -1.82 2.65
CA VAL B 309 10.62 -0.92 2.42
C VAL B 309 11.25 -1.19 1.05
N THR B 310 11.25 -2.45 0.63
CA THR B 310 11.90 -2.79 -0.64
C THR B 310 10.96 -2.75 -1.83
N GLY B 311 9.85 -2.01 -1.75
CA GLY B 311 9.11 -1.71 -2.95
C GLY B 311 7.63 -2.00 -3.01
N ARG B 312 7.17 -3.06 -2.35
CA ARG B 312 5.81 -3.56 -2.51
C ARG B 312 4.75 -2.65 -1.92
N THR B 313 3.47 -2.91 -2.25
CA THR B 313 2.34 -2.08 -1.85
C THR B 313 1.10 -2.93 -1.61
N TRP B 314 0.40 -2.66 -0.50
CA TRP B 314 -1.02 -2.98 -0.31
C TRP B 314 -1.96 -1.86 -0.71
N LYS B 315 -3.06 -2.23 -1.35
CA LYS B 315 -4.18 -1.33 -1.59
C LYS B 315 -5.45 -2.16 -1.68
N GLY B 316 -6.59 -1.50 -1.61
CA GLY B 316 -7.85 -2.20 -1.54
C GLY B 316 -8.91 -1.50 -2.34
N THR B 317 -10.02 -2.21 -2.57
CA THR B 317 -11.07 -1.68 -3.43
C THR B 317 -12.44 -2.11 -2.92
N ALA B 318 -13.41 -1.21 -3.03
CA ALA B 318 -14.80 -1.50 -2.73
C ALA B 318 -15.64 -1.07 -3.92
N PHE B 319 -16.44 -2.00 -4.44
CA PHE B 319 -17.17 -1.81 -5.69
C PHE B 319 -16.23 -1.40 -6.82
N GLY B 320 -15.08 -2.06 -6.87
CA GLY B 320 -14.17 -1.93 -7.98
C GLY B 320 -13.72 -0.52 -8.30
N GLY B 321 -14.00 0.43 -7.42
CA GLY B 321 -13.62 1.80 -7.66
C GLY B 321 -14.52 2.55 -8.61
N TRP B 322 -15.58 1.92 -9.12
CA TRP B 322 -16.51 2.60 -10.00
C TRP B 322 -17.29 3.65 -9.22
N LYS B 323 -17.63 4.74 -9.89
CA LYS B 323 -18.61 5.70 -9.37
C LYS B 323 -19.98 5.25 -9.83
N SER B 324 -20.77 4.71 -8.91
CA SER B 324 -21.81 3.75 -9.27
C SER B 324 -22.82 4.31 -10.25
N VAL B 325 -23.43 5.46 -9.92
CA VAL B 325 -24.58 5.93 -10.70
C VAL B 325 -24.16 6.28 -12.12
N GLU B 326 -23.02 6.93 -12.30
CA GLU B 326 -22.61 7.37 -13.62
C GLU B 326 -21.81 6.32 -14.37
N SER B 327 -21.46 5.19 -13.75
CA SER B 327 -20.60 4.19 -14.37
C SER B 327 -21.27 2.88 -14.68
N VAL B 328 -22.32 2.48 -13.96
CA VAL B 328 -23.00 1.23 -14.30
C VAL B 328 -23.61 1.25 -15.68
N PRO B 329 -24.26 2.34 -16.14
CA PRO B 329 -24.75 2.36 -17.53
C PRO B 329 -23.68 2.09 -18.57
N LYS B 330 -22.47 2.59 -18.36
CA LYS B 330 -21.39 2.30 -19.29
C LYS B 330 -21.07 0.82 -19.32
N LEU B 331 -21.14 0.15 -18.16
CA LEU B 331 -20.89 -1.28 -18.13
C LEU B 331 -21.97 -2.05 -18.87
N VAL B 332 -23.22 -1.62 -18.75
CA VAL B 332 -24.29 -2.27 -19.51
C VAL B 332 -24.07 -2.09 -21.01
N SER B 333 -23.66 -0.88 -21.42
CA SER B 333 -23.33 -0.65 -22.82
C SER B 333 -22.19 -1.55 -23.27
N GLU B 334 -21.15 -1.71 -22.43
CA GLU B 334 -20.05 -2.60 -22.76
C GLU B 334 -20.53 -4.03 -22.94
N TYR B 335 -21.45 -4.48 -22.11
CA TYR B 335 -22.00 -5.81 -22.29
C TYR B 335 -22.81 -5.92 -23.57
N MET B 336 -23.43 -4.82 -24.01
CA MET B 336 -24.16 -4.86 -25.27
C MET B 336 -23.24 -5.09 -26.46
N SER B 337 -22.01 -4.59 -26.41
CA SER B 337 -21.05 -4.68 -27.50
CA SER B 337 -21.08 -4.70 -27.52
C SER B 337 -20.20 -5.94 -27.45
N LYS B 338 -20.46 -6.84 -26.50
CA LYS B 338 -19.74 -8.09 -26.32
C LYS B 338 -18.28 -7.87 -25.93
N LYS B 339 -17.97 -6.72 -25.31
CA LYS B 339 -16.63 -6.50 -24.81
C LYS B 339 -16.34 -7.32 -23.57
N ILE B 340 -17.36 -7.57 -22.74
CA ILE B 340 -17.20 -8.32 -21.51
C ILE B 340 -18.24 -9.44 -21.46
N LYS B 341 -17.96 -10.44 -20.63
CA LYS B 341 -18.76 -11.65 -20.55
C LYS B 341 -19.64 -11.62 -19.31
N VAL B 342 -20.95 -11.66 -19.50
CA VAL B 342 -21.90 -11.77 -18.42
C VAL B 342 -22.63 -13.12 -18.45
N ASP B 343 -22.86 -13.65 -19.64
CA ASP B 343 -23.64 -14.88 -19.79
C ASP B 343 -22.91 -16.10 -19.27
N GLU B 344 -21.59 -16.02 -19.07
CA GLU B 344 -20.78 -17.16 -18.66
C GLU B 344 -20.60 -17.28 -17.16
N PHE B 345 -21.18 -16.38 -16.37
CA PHE B 345 -21.09 -16.47 -14.93
C PHE B 345 -22.25 -17.24 -14.31
N VAL B 346 -23.45 -17.10 -14.88
CA VAL B 346 -24.62 -17.75 -14.30
C VAL B 346 -24.49 -19.26 -14.47
N THR B 347 -24.55 -19.98 -13.34
CA THR B 347 -24.41 -21.42 -13.36
C THR B 347 -25.70 -22.15 -13.03
N HIS B 348 -26.69 -21.47 -12.45
CA HIS B 348 -27.96 -22.10 -12.09
C HIS B 348 -29.07 -21.09 -12.21
N ASN B 349 -30.29 -21.60 -12.34
CA ASN B 349 -31.50 -20.78 -12.32
C ASN B 349 -32.53 -21.45 -11.42
N LEU B 350 -33.18 -20.67 -10.58
CA LEU B 350 -34.20 -21.18 -9.66
C LEU B 350 -35.44 -20.31 -9.73
N SER B 351 -36.49 -20.79 -9.07
CA SER B 351 -37.70 -20.02 -8.87
C SER B 351 -37.69 -19.41 -7.48
N PHE B 352 -38.66 -18.52 -7.23
CA PHE B 352 -38.66 -17.77 -5.98
C PHE B 352 -38.84 -18.69 -4.78
N ASP B 353 -39.77 -19.64 -4.87
CA ASP B 353 -40.08 -20.53 -3.76
C ASP B 353 -38.89 -21.38 -3.36
N GLU B 354 -38.03 -21.74 -4.32
CA GLU B 354 -36.84 -22.53 -4.05
C GLU B 354 -35.65 -21.68 -3.64
N ILE B 355 -35.88 -20.46 -3.15
CA ILE B 355 -34.76 -19.56 -2.85
C ILE B 355 -33.81 -20.21 -1.85
N ASN B 356 -34.35 -20.94 -0.87
CA ASN B 356 -33.50 -21.61 0.11
C ASN B 356 -32.49 -22.53 -0.56
N LYS B 357 -32.93 -23.26 -1.59
CA LYS B 357 -32.03 -24.17 -2.28
C LYS B 357 -30.76 -23.45 -2.73
N ALA B 358 -30.90 -22.21 -3.17
CA ALA B 358 -29.75 -21.43 -3.61
C ALA B 358 -28.66 -21.43 -2.56
N PHE B 359 -29.03 -21.13 -1.31
CA PHE B 359 -28.02 -21.06 -0.25
C PHE B 359 -27.27 -22.38 -0.14
N GLU B 360 -28.00 -23.50 -0.24
CA GLU B 360 -27.34 -24.79 -0.10
C GLU B 360 -26.28 -24.99 -1.16
N LEU B 361 -26.55 -24.56 -2.39
CA LEU B 361 -25.54 -24.66 -3.43
C LEU B 361 -24.29 -23.87 -3.03
N MET B 362 -24.48 -22.66 -2.52
CA MET B 362 -23.34 -21.87 -2.09
C MET B 362 -22.60 -22.54 -0.96
N HIS B 363 -23.29 -23.36 -0.17
CA HIS B 363 -22.64 -24.05 0.94
C HIS B 363 -21.75 -25.19 0.46
N SER B 364 -21.89 -25.61 -0.79
CA SER B 364 -21.17 -26.76 -1.30
C SER B 364 -20.05 -26.40 -2.27
N GLY B 365 -20.01 -25.18 -2.77
CA GLY B 365 -19.02 -24.80 -3.76
C GLY B 365 -19.19 -25.47 -5.10
N LYS B 366 -20.42 -25.58 -5.59
CA LYS B 366 -20.67 -26.16 -6.90
C LYS B 366 -21.14 -25.15 -7.94
N SER B 367 -21.31 -23.89 -7.57
CA SER B 367 -21.83 -22.87 -8.46
C SER B 367 -21.02 -21.58 -8.33
N ILE B 368 -21.03 -20.78 -9.40
CA ILE B 368 -20.43 -19.46 -9.36
C ILE B 368 -21.48 -18.45 -8.92
N ARG B 369 -22.54 -18.29 -9.70
CA ARG B 369 -23.64 -17.39 -9.37
C ARG B 369 -24.95 -18.07 -9.71
N THR B 370 -25.95 -17.86 -8.85
CA THR B 370 -27.29 -18.36 -9.07
C THR B 370 -28.25 -17.18 -9.24
N VAL B 371 -29.17 -17.29 -10.19
CA VAL B 371 -30.12 -16.24 -10.49
C VAL B 371 -31.52 -16.71 -10.15
N VAL B 372 -32.25 -15.90 -9.39
CA VAL B 372 -33.62 -16.18 -8.98
C VAL B 372 -34.56 -15.26 -9.75
N LYS B 373 -35.56 -15.84 -10.41
CA LYS B 373 -36.53 -15.05 -11.14
C LYS B 373 -37.72 -14.74 -10.23
N ILE B 374 -37.95 -13.45 -10.01
CA ILE B 374 -38.97 -12.97 -9.09
C ILE B 374 -40.21 -12.46 -9.81
N GLU B 375 -40.12 -12.25 -11.13
CA GLU B 375 -41.18 -11.64 -11.93
C GLU B 375 -41.57 -10.29 -11.39
ZN ZN C . 21.84 -2.09 -12.09
ZN ZN D . 22.49 6.00 7.54
PA NAD E . 16.08 8.99 15.52
O1A NAD E . 15.83 7.47 15.41
O2A NAD E . 17.34 9.23 16.28
O5B NAD E . 14.81 9.71 16.27
C5B NAD E . 13.72 8.89 16.72
C4B NAD E . 12.57 9.80 17.26
O4B NAD E . 11.27 8.93 17.45
C3B NAD E . 12.87 10.27 18.38
O3B NAD E . 12.57 11.73 18.41
C2B NAD E . 11.91 9.48 19.50
O2B NAD E . 11.68 10.34 20.62
C1B NAD E . 10.82 9.22 18.90
N9A NAD E . 10.21 8.02 19.54
C8A NAD E . 10.50 6.86 20.16
N7A NAD E . 9.35 6.27 20.48
C5A NAD E . 8.35 7.06 20.07
C6A NAD E . 7.01 6.94 20.14
N6A NAD E . 6.21 5.91 20.69
N1A NAD E . 6.22 7.90 19.64
C2A NAD E . 6.77 8.99 19.05
N3A NAD E . 8.09 9.11 18.97
C4A NAD E . 8.89 8.14 19.48
O3 NAD E . 16.22 9.65 13.99
PN NAD E . 17.06 8.99 12.78
O1N NAD E . 18.49 8.88 13.15
O2N NAD E . 16.91 9.85 11.54
O5D NAD E . 16.46 7.47 12.45
C5D NAD E . 15.10 7.36 12.29
C4D NAD E . 14.80 5.95 11.62
O4D NAD E . 14.84 6.08 10.08
C3D NAD E . 15.70 5.11 11.95
O3D NAD E . 15.11 3.86 12.39
C2D NAD E . 16.58 4.81 10.58
O2D NAD E . 17.16 3.44 10.67
C1D NAD E . 15.73 4.89 9.64
N1N NAD E . 16.39 5.21 8.31
C2N NAD E . 15.95 4.59 7.19
C3N NAD E . 16.54 4.87 5.98
C7N NAD E . 16.04 4.19 4.74
O7N NAD E . 16.56 4.43 3.66
N7N NAD E . 14.90 3.23 4.81
C4N NAD E . 17.54 5.76 5.91
C5N NAD E . 17.98 6.37 7.02
C6N NAD E . 17.38 6.08 8.24
C01 WKZ F . 18.75 -5.04 4.02
C02 WKZ F . 19.96 -4.29 3.48
C03 WKZ F . 19.83 -3.23 2.60
C04 WKZ F . 20.96 -2.57 2.13
C05 WKZ F . 22.21 -2.96 2.54
C06 WKZ F . 22.35 -4.01 3.43
C07 WKZ F . 21.24 -4.67 3.90
C08 WKZ F . 23.74 -4.45 3.87
C12 WKZ F . 17.78 -3.41 1.20
C13 WKZ F . 16.64 -2.67 1.03
C14 WKZ F . 16.72 -1.58 1.83
C15 WKZ F . 17.91 -1.65 2.51
C16 WKZ F . 18.41 -0.63 3.53
C17 WKZ F . 18.30 0.72 3.25
C18 WKZ F . 18.75 1.65 4.16
C19 WKZ F . 19.33 1.24 5.35
C20 WKZ F . 19.46 -0.11 5.63
C21 WKZ F . 19.00 -1.04 4.72
C23 WKZ F . 19.33 2.41 7.50
C24 WKZ F . 20.05 3.41 8.09
C26 WKZ F . 20.83 3.06 6.13
C27 WKZ F . 18.12 -4.74 0.51
C28 WKZ F . 19.33 -4.66 -0.43
C29 WKZ F . 19.07 -3.78 -1.63
C32 WKZ F . 19.94 -1.98 -3.48
C33 WKZ F . 21.44 -1.67 -4.02
C35 WKZ F . 21.60 -2.78 -1.74
N10 WKZ F . 24.92 -3.75 3.39
N11 WKZ F . 18.53 -2.78 2.12
N22 WKZ F . 19.81 2.22 6.31
N25 WKZ F . 20.97 3.79 7.24
N31 WKZ F . 20.11 -2.95 -2.21
O09 WKZ F . 23.86 -5.37 4.61
O30 WKZ F . 17.98 -3.79 -2.11
O36 WKZ F . 22.02 -2.79 -0.63
S34 WKZ F . 22.44 -2.60 -3.07
ZN ZN G . -21.86 12.06 -2.16
ZN ZN H . -22.48 -9.15 -3.02
PA NAD I . -16.06 -17.67 -3.10
O1A NAD I . -15.82 -17.05 -1.71
O2A NAD I . -17.32 -18.48 -3.06
O5B NAD I . -14.79 -18.63 -3.52
C5B NAD I . -13.70 -18.76 -2.60
C4B NAD I . -12.55 -19.57 -3.26
O4B NAD I . -11.24 -19.47 -2.38
C3B NAD I . -12.85 -20.79 -3.32
O3B NAD I . -12.55 -21.32 -4.68
C2B NAD I . -11.90 -21.58 -2.19
O2B NAD I . -11.66 -22.93 -2.61
C1B NAD I . -10.81 -20.93 -2.15
N9A NAD I . -10.18 -21.11 -0.81
C8A NAD I . -10.47 -21.30 0.49
N7A NAD I . -9.33 -21.40 1.15
C5A NAD I . -8.33 -21.28 0.26
C6A NAD I . -6.98 -21.31 0.40
N6A NAD I . -6.19 -21.48 1.55
N1A NAD I . -6.20 -21.16 -0.67
C2A NAD I . -6.76 -20.98 -1.90
N3A NAD I . -8.08 -20.95 -2.03
C4A NAD I . -8.87 -21.10 -0.95
O3 NAD I . -16.20 -16.46 -4.24
PN NAD I . -17.06 -15.10 -4.04
O1N NAD I . -18.48 -15.42 -3.80
O2N NAD I . -16.91 -14.23 -5.27
O5D NAD I . -16.45 -14.27 -2.73
C5D NAD I . -15.09 -14.08 -2.68
C4D NAD I . -14.78 -12.97 -1.59
O4D NAD I . -14.84 -11.56 -2.24
C3D NAD I . -15.69 -12.99 -0.68
O3D NAD I . -15.10 -12.98 0.64
C2D NAD I . -16.57 -11.61 -0.86
O2D NAD I . -17.14 -11.23 0.45
C1D NAD I . -15.72 -10.75 -1.26
N1N NAD I . -16.39 -9.61 -2.02
C2N NAD I . -15.94 -8.35 -1.83
C3N NAD I . -16.53 -7.31 -2.51
C7N NAD I . -16.03 -5.90 -2.29
O7N NAD I . -16.56 -4.98 -2.89
N7N NAD I . -14.91 -5.64 -1.36
C4N NAD I . -17.54 -7.54 -3.36
C5N NAD I . -17.97 -8.79 -3.55
C6N NAD I . -17.37 -9.84 -2.86
C01 WKZ J . -18.74 -2.06 6.13
C02 WKZ J . -19.96 -1.82 5.24
C03 WKZ J . -19.83 -1.35 3.95
C04 WKZ J . -20.95 -1.14 3.16
C05 WKZ J . -22.21 -1.40 3.68
C06 WKZ J . -22.34 -1.87 4.98
C07 WKZ J . -21.23 -2.07 5.75
C08 WKZ J . -23.73 -2.13 5.55
C12 WKZ J . -17.78 0.02 3.63
C13 WKZ J . -16.64 -0.06 2.88
C14 WKZ J . -16.72 -1.19 2.12
C15 WKZ J . -17.91 -1.81 2.44
C16 WKZ J . -18.42 -3.11 1.82
C17 WKZ J . -18.30 -3.32 0.46
C18 WKZ J . -18.75 -4.50 -0.11
C19 WKZ J . -19.33 -5.46 0.69
C20 WKZ J . -19.45 -5.27 2.06
C21 WKZ J . -18.99 -4.09 2.62
C23 WKZ J . -19.32 -7.90 0.33
C24 WKZ J . -20.04 -8.78 -0.40
C26 WKZ J . -20.83 -6.82 -0.74
C27 WKZ J . -18.11 1.13 4.65
C28 WKZ J . -19.33 1.98 4.26
C29 WKZ J . -19.07 2.82 3.02
C32 WKZ J . -19.94 3.94 0.70
C33 WKZ J . -21.44 4.33 0.22
C35 WKZ J . -21.60 2.57 2.04
N10 WKZ J . -24.91 -1.91 4.71
N11 WKZ J . -18.53 -1.07 3.36
N22 WKZ J . -19.81 -6.70 0.11
N25 WKZ J . -20.97 -8.12 -1.06
N31 WKZ J . -20.11 3.07 2.03
O09 WKZ J . -23.85 -2.51 6.66
O30 WKZ J . -17.98 3.28 2.86
O36 WKZ J . -22.02 1.54 2.43
S34 WKZ J . -22.44 3.75 1.40
#